data_8YAS
#
_entry.id   8YAS
#
_cell.length_a   1.00
_cell.length_b   1.00
_cell.length_c   1.00
_cell.angle_alpha   90.00
_cell.angle_beta   90.00
_cell.angle_gamma   90.00
#
_symmetry.space_group_name_H-M   'P 1'
#
loop_
_entity.id
_entity.type
_entity.pdbx_description
1 polymer 'Protein translocase subunit SecA'
2 polymer 'Protein translocase subunit SecY'
3 polymer 'Protein translocase subunit SecE'
4 non-polymer 'MAGNESIUM ION'
5 non-polymer 'BERYLLIUM TRIFLUORIDE ION'
6 non-polymer "ADENOSINE-5'-DIPHOSPHATE"
#
loop_
_entity_poly.entity_id
_entity_poly.type
_entity_poly.pdbx_seq_one_letter_code
_entity_poly.pdbx_strand_id
1 'polypeptide(L)'
;MLGILNKMFDPTKRTLNRYEKIANDIDAIRGDYENLSDDALKHKTIEFKERLEKGATTDDLLVEAFAVVREASRRVTGMF
PFKVQLMGGVALHDGNIAEMKTGEGKTLTSTLPVYLNALTGKGVHVVTVNEYLASRDAEQMGKIFEFLGLTVGLNLNSMS
KDEKREAYAADITYSTNNELGFDYLRDNMVLYKEQMVQRPLHFAVIDEVDSILIDEARTPLIISGQAAKSTKLYVQANAF
VRTLKAEKDYTYDIKTKAVQLTEEGMTKAEKAFGIDNLFDVKHVALNHHINQALKAHVAMQKDVDYVVEDGQVVIVDSFT
GRLMKGRRYSEGLHQAIEAKEGLEIQNESMTLATITFQNYFRMYEKLAGMTGTAKTEEEEFRNIYNMQVVTIPTNRPVVR
DDRPDLIYRTMEGKFKAVAEDVAQRYMTGQPVLVGTVAVETSELISKLLKNKGIPHQVLNAKNHEREAQIIEEAGQKGAV
TIATNMAGRGTDIKLGEGVKELGGLAVVGTERHESRRIDNQLRGRSGRQGDPGITQFYLSMEDELMRRFGAERTMAMLDR
FGMDDSTPIQSKMVSRAVESSQKRVEGNNFDSRKQLLQYDDVLRQQREVIYKQRFEVIDSENLREIVENMIKSSLERAIA
AYTPREELPEEWKLDGLVDLINTTYLDEGALEKSDIFGKEPDEMLELIMDRIITKYNEKEEQFGKEQMREFEKVIVLRAV
DSKWMDHIDAMDQLRQGIHLRAYAQTNPLREYQMEGFAMFEHMIESIEDEVAKFVMKA
;
A
2 'polypeptide(L)'
;MFRTISNFMRVSDIRNKIIFTLLMLIVFRIGTFIPVPSVNTDVLKLQDQLNAFGVLNIFCGGALQNFSIFAMGVMPYITA
SIIVQLLQMDVVPKFAEWSKQGEMGRRKLAQFTRYFTIVLGFIQALGMSYGFNNLAGGMLIQNPGIGTYLLIAVVLTAGT
AFLMWLGEQITAKGVGNGISIIIFAGIVSGIPTILNQIYAQTFENVGEDLTLNIVRLLLVALAVVAVIVGVIYIQQAFRK
IPIQYAKRLEGRNPVGGHSTHLPLKVNPAGVIPVIFAVSFLIAPPTIASFFGTNDVTLWIRRTFDYTHPVGMTIYVVLII
AFTYFYAFVQVNPEQMADNLKKQGGYIPGIRPGKNTQEYVTRILYRLTLVGSLFLAFIAVLPVFFVNFANLPPSAQIGGT
SLLIVVGVALETMKQLESQLVKRHYRGFIK
;
Y
3 'polypeptide(L)' MQRVTNFFKEVVRELKKVSWPNRKELVNYTAVVLATVAFFTVFFAVIDLGISQLIRLVFEGGHHHHHHHH E
#
# COMPACT_ATOMS: atom_id res chain seq x y z
N ARG A 14 23.12 25.03 0.53
CA ARG A 14 23.26 24.22 -0.68
C ARG A 14 24.47 23.32 -0.57
N THR A 15 24.26 22.02 -0.82
CA THR A 15 25.31 21.03 -0.63
C THR A 15 26.26 20.93 -1.81
N LEU A 16 25.86 21.39 -2.99
CA LEU A 16 26.72 21.24 -4.16
C LEU A 16 27.93 22.15 -4.08
N ASN A 17 27.82 23.30 -3.43
CA ASN A 17 29.01 24.11 -3.22
C ASN A 17 29.92 23.49 -2.18
N ARG A 18 29.34 22.75 -1.22
CA ARG A 18 30.17 21.99 -0.30
C ARG A 18 30.95 20.91 -1.02
N TYR A 19 30.32 20.23 -1.97
CA TYR A 19 31.00 19.19 -2.75
C TYR A 19 32.08 19.77 -3.62
N GLU A 20 31.84 20.95 -4.21
CA GLU A 20 32.89 21.62 -4.98
C GLU A 20 34.05 22.04 -4.10
N LYS A 21 33.77 22.49 -2.87
CA LYS A 21 34.83 22.90 -1.97
C LYS A 21 35.70 21.73 -1.56
N ILE A 22 35.06 20.59 -1.24
CA ILE A 22 35.82 19.41 -0.85
C ILE A 22 36.62 18.87 -2.03
N ALA A 23 36.06 18.95 -3.24
CA ALA A 23 36.80 18.50 -4.41
C ALA A 23 38.03 19.37 -4.68
N ASN A 24 37.94 20.67 -4.39
CA ASN A 24 39.14 21.50 -4.53
C ASN A 24 40.17 21.20 -3.45
N ASP A 25 39.72 20.85 -2.25
CA ASP A 25 40.65 20.40 -1.19
C ASP A 25 41.43 19.16 -1.63
N ILE A 26 40.72 18.19 -2.20
CA ILE A 26 41.34 16.97 -2.70
C ILE A 26 42.29 17.27 -3.84
N ASP A 27 41.98 18.29 -4.65
CA ASP A 27 42.89 18.66 -5.73
C ASP A 27 44.22 19.22 -5.22
N ALA A 28 44.17 20.07 -4.19
CA ALA A 28 45.41 20.59 -3.61
C ALA A 28 46.27 19.48 -3.02
N ILE A 29 45.66 18.62 -2.21
CA ILE A 29 46.55 17.62 -1.62
C ILE A 29 46.87 16.47 -2.56
N ARG A 30 46.17 16.30 -3.69
CA ARG A 30 46.71 15.32 -4.65
C ARG A 30 47.91 15.90 -5.36
N GLY A 31 47.99 17.23 -5.44
CA GLY A 31 49.28 17.84 -5.69
C GLY A 31 50.32 17.39 -4.69
N ASP A 32 49.91 17.23 -3.43
CA ASP A 32 50.86 16.77 -2.42
C ASP A 32 51.20 15.26 -2.51
N TYR A 33 50.27 14.39 -2.91
CA TYR A 33 50.42 12.94 -2.78
C TYR A 33 51.11 12.27 -3.96
N GLU A 34 51.57 13.03 -4.94
CA GLU A 34 51.89 12.46 -6.25
C GLU A 34 53.22 11.74 -6.24
N ASN A 35 54.27 12.37 -5.71
CA ASN A 35 55.60 11.79 -5.73
C ASN A 35 55.81 10.95 -4.47
N LEU A 36 55.11 9.85 -4.42
CA LEU A 36 55.27 8.86 -3.37
C LEU A 36 55.40 7.53 -4.04
N SER A 37 56.34 6.71 -3.59
CA SER A 37 56.48 5.41 -4.21
C SER A 37 55.33 4.51 -3.78
N ASP A 38 55.14 3.42 -4.51
CA ASP A 38 54.39 2.34 -3.93
C ASP A 38 55.23 1.72 -2.81
N ASP A 39 54.53 1.14 -1.83
CA ASP A 39 54.91 0.78 -0.46
C ASP A 39 55.03 2.01 0.44
N ALA A 40 54.96 3.19 -0.14
CA ALA A 40 54.72 4.39 0.64
C ALA A 40 53.31 4.91 0.44
N LEU A 41 52.68 4.52 -0.66
CA LEU A 41 51.28 4.78 -0.89
C LEU A 41 50.40 3.62 -0.45
N LYS A 42 50.93 2.41 -0.41
CA LYS A 42 50.20 1.32 0.22
C LYS A 42 50.24 1.40 1.73
N HIS A 43 51.21 2.14 2.27
CA HIS A 43 51.33 2.36 3.70
C HIS A 43 50.30 3.34 4.22
N LYS A 44 49.70 4.13 3.34
CA LYS A 44 48.69 5.09 3.76
C LYS A 44 47.43 4.40 4.25
N THR A 45 47.18 3.17 3.82
CA THR A 45 46.05 2.42 4.37
C THR A 45 46.30 2.05 5.82
N ILE A 46 47.52 1.63 6.15
CA ILE A 46 47.88 1.32 7.52
C ILE A 46 47.83 2.57 8.39
N GLU A 47 48.31 3.69 7.85
CA GLU A 47 48.29 4.95 8.57
C GLU A 47 46.87 5.41 8.84
N PHE A 48 45.98 5.28 7.86
CA PHE A 48 44.59 5.68 8.06
C PHE A 48 43.86 4.73 8.98
N LYS A 49 44.24 3.46 8.98
CA LYS A 49 43.59 2.51 9.89
C LYS A 49 43.94 2.79 11.34
N GLU A 50 45.21 3.08 11.62
CA GLU A 50 45.54 3.41 13.00
C GLU A 50 45.05 4.79 13.41
N ARG A 51 44.99 5.75 12.50
CA ARG A 51 44.37 7.04 12.83
C ARG A 51 42.89 6.90 13.03
N LEU A 52 42.26 5.93 12.38
CA LEU A 52 40.84 5.71 12.54
C LEU A 52 40.54 4.90 13.77
N GLU A 53 41.53 4.19 14.30
CA GLU A 53 41.34 3.51 15.57
C GLU A 53 41.69 4.37 16.77
N LYS A 54 42.57 5.35 16.61
CA LYS A 54 42.86 6.20 17.76
C LYS A 54 41.68 7.12 18.06
N GLY A 55 41.41 8.11 17.21
CA GLY A 55 40.25 8.93 17.51
C GLY A 55 39.47 9.52 16.36
N ALA A 56 39.92 9.34 15.13
CA ALA A 56 39.35 10.12 14.04
C ALA A 56 38.10 9.45 13.50
N THR A 57 37.34 10.21 12.73
CA THR A 57 36.20 9.69 12.02
C THR A 57 36.53 9.61 10.54
N THR A 58 35.63 8.98 9.78
CA THR A 58 35.83 8.93 8.34
C THR A 58 35.65 10.30 7.71
N ASP A 59 34.84 11.16 8.31
CA ASP A 59 34.62 12.48 7.76
C ASP A 59 35.83 13.40 7.91
N ASP A 60 36.71 13.13 8.87
CA ASP A 60 37.93 13.92 8.99
C ASP A 60 39.01 13.42 8.06
N LEU A 61 38.95 12.15 7.68
CA LEU A 61 39.96 11.53 6.84
C LEU A 61 39.64 11.64 5.37
N LEU A 62 38.55 12.32 5.00
CA LEU A 62 37.95 12.17 3.68
C LEU A 62 38.86 12.71 2.59
N VAL A 63 39.48 13.87 2.80
CA VAL A 63 40.26 14.45 1.73
C VAL A 63 41.58 13.71 1.53
N GLU A 64 42.17 13.19 2.59
CA GLU A 64 43.44 12.50 2.41
C GLU A 64 43.22 11.11 1.84
N ALA A 65 42.12 10.46 2.24
CA ALA A 65 41.79 9.17 1.66
C ALA A 65 41.42 9.30 0.20
N PHE A 66 40.68 10.35 -0.17
CA PHE A 66 40.30 10.53 -1.56
C PHE A 66 41.49 10.90 -2.42
N ALA A 67 42.46 11.65 -1.88
CA ALA A 67 43.64 11.93 -2.67
C ALA A 67 44.53 10.71 -2.83
N VAL A 68 44.55 9.83 -1.83
CA VAL A 68 45.28 8.57 -1.96
C VAL A 68 44.62 7.67 -3.01
N VAL A 69 43.28 7.63 -3.06
CA VAL A 69 42.63 6.83 -4.08
C VAL A 69 42.81 7.43 -5.48
N ARG A 70 42.84 8.77 -5.60
CA ARG A 70 43.14 9.40 -6.89
C ARG A 70 44.51 9.00 -7.39
N GLU A 71 45.51 9.04 -6.51
CA GLU A 71 46.85 8.70 -6.95
C GLU A 71 47.01 7.22 -7.23
N ALA A 72 46.35 6.37 -6.43
CA ALA A 72 46.44 4.93 -6.65
C ALA A 72 45.71 4.52 -7.91
N SER A 73 44.65 5.23 -8.26
CA SER A 73 43.91 4.92 -9.47
C SER A 73 44.70 5.35 -10.70
N ARG A 74 45.40 6.47 -10.63
CA ARG A 74 46.28 6.82 -11.74
C ARG A 74 47.47 5.89 -11.85
N ARG A 75 47.89 5.29 -10.75
CA ARG A 75 48.99 4.33 -10.84
C ARG A 75 48.55 2.98 -11.36
N VAL A 76 47.31 2.59 -11.14
CA VAL A 76 46.88 1.26 -11.54
C VAL A 76 46.19 1.28 -12.90
N THR A 77 45.10 2.04 -13.01
CA THR A 77 44.26 1.95 -14.19
C THR A 77 44.56 3.00 -15.24
N GLY A 78 45.48 3.93 -15.00
CA GLY A 78 45.67 5.03 -15.90
C GLY A 78 44.69 6.17 -15.77
N MET A 79 43.51 5.91 -15.22
CA MET A 79 42.51 6.95 -15.00
C MET A 79 42.83 7.74 -13.75
N PHE A 80 42.83 9.05 -13.87
CA PHE A 80 42.94 9.95 -12.75
C PHE A 80 41.61 10.65 -12.62
N PRO A 81 40.86 10.43 -11.54
CA PRO A 81 39.46 10.89 -11.48
C PRO A 81 39.30 12.39 -11.59
N PHE A 82 38.32 12.81 -12.36
CA PHE A 82 38.03 14.22 -12.53
C PHE A 82 37.40 14.77 -11.26
N LYS A 83 37.25 16.08 -11.21
CA LYS A 83 36.73 16.68 -10.00
C LYS A 83 35.26 16.43 -9.82
N VAL A 84 34.52 16.14 -10.90
CA VAL A 84 33.15 15.71 -10.74
C VAL A 84 33.06 14.31 -10.19
N GLN A 85 34.08 13.49 -10.38
CA GLN A 85 34.10 12.19 -9.75
C GLN A 85 34.36 12.31 -8.26
N LEU A 86 35.16 13.29 -7.84
CA LEU A 86 35.33 13.53 -6.42
C LEU A 86 34.07 14.12 -5.81
N MET A 87 33.34 14.95 -6.55
CA MET A 87 32.07 15.45 -6.05
C MET A 87 31.05 14.34 -5.88
N GLY A 88 31.01 13.40 -6.82
CA GLY A 88 30.14 12.25 -6.65
C GLY A 88 30.58 11.33 -5.53
N GLY A 89 31.88 11.25 -5.29
CA GLY A 89 32.34 10.45 -4.17
C GLY A 89 31.99 11.04 -2.82
N VAL A 90 32.08 12.36 -2.69
CA VAL A 90 31.64 12.99 -1.45
C VAL A 90 30.13 12.86 -1.28
N ALA A 91 29.38 12.93 -2.37
CA ALA A 91 27.94 12.72 -2.27
C ALA A 91 27.57 11.29 -1.94
N LEU A 92 28.44 10.34 -2.24
CA LEU A 92 28.17 8.97 -1.84
C LEU A 92 28.58 8.71 -0.41
N HIS A 93 29.62 9.37 0.07
CA HIS A 93 29.99 9.19 1.46
C HIS A 93 28.95 9.77 2.40
N ASP A 94 28.22 10.79 1.99
CA ASP A 94 27.21 11.38 2.83
C ASP A 94 25.95 10.56 2.96
N GLY A 95 25.82 9.48 2.21
CA GLY A 95 24.59 8.73 2.23
C GLY A 95 23.54 9.22 1.27
N ASN A 96 23.92 10.03 0.31
CA ASN A 96 23.00 10.60 -0.66
C ASN A 96 23.05 9.77 -1.94
N ILE A 97 22.41 10.25 -2.98
CA ILE A 97 22.38 9.59 -4.27
C ILE A 97 23.06 10.49 -5.28
N ALA A 98 24.18 10.05 -5.82
CA ALA A 98 24.94 10.86 -6.75
C ALA A 98 24.39 10.61 -8.15
N GLU A 99 23.70 11.59 -8.72
CA GLU A 99 23.14 11.40 -10.05
C GLU A 99 24.09 11.97 -11.09
N MET A 100 25.13 11.22 -11.39
CA MET A 100 26.01 11.53 -12.49
C MET A 100 25.46 10.90 -13.75
N LYS A 101 25.64 11.55 -14.88
CA LYS A 101 25.06 11.10 -16.14
C LYS A 101 25.65 9.77 -16.59
N THR A 102 24.99 9.14 -17.55
CA THR A 102 25.46 7.87 -18.08
C THR A 102 26.70 8.09 -18.91
N GLY A 103 27.73 7.35 -18.60
CA GLY A 103 29.00 7.49 -19.27
C GLY A 103 29.99 8.32 -18.51
N GLU A 104 29.63 8.85 -17.36
CA GLU A 104 30.48 9.86 -16.75
C GLU A 104 31.62 9.30 -15.95
N GLY A 105 31.55 8.06 -15.52
CA GLY A 105 32.66 7.54 -14.76
C GLY A 105 32.28 7.09 -13.38
N LYS A 106 31.08 6.55 -13.21
CA LYS A 106 30.55 6.25 -11.89
C LYS A 106 31.26 5.11 -11.18
N THR A 107 32.07 4.32 -11.87
CA THR A 107 32.75 3.23 -11.18
C THR A 107 33.91 3.74 -10.31
N LEU A 108 34.72 4.69 -10.82
CA LEU A 108 35.73 5.30 -9.97
C LEU A 108 35.12 6.11 -8.82
N THR A 109 34.00 6.75 -9.08
CA THR A 109 33.38 7.48 -7.99
C THR A 109 32.77 6.54 -6.99
N SER A 110 32.51 5.29 -7.35
CA SER A 110 32.22 4.33 -6.29
C SER A 110 33.46 4.00 -5.50
N THR A 111 34.62 3.89 -6.15
CA THR A 111 35.80 3.47 -5.40
C THR A 111 36.31 4.49 -4.43
N LEU A 112 35.89 5.74 -4.52
CA LEU A 112 36.37 6.70 -3.51
C LEU A 112 35.74 6.46 -2.12
N PRO A 113 34.41 6.53 -1.92
CA PRO A 113 33.91 6.31 -0.58
C PRO A 113 33.91 4.86 -0.15
N VAL A 114 34.05 3.92 -1.06
CA VAL A 114 34.16 2.52 -0.68
C VAL A 114 35.49 2.27 0.00
N TYR A 115 36.55 2.89 -0.49
CA TYR A 115 37.82 2.82 0.22
C TYR A 115 37.74 3.55 1.53
N LEU A 116 37.11 4.72 1.57
CA LEU A 116 37.06 5.45 2.83
C LEU A 116 36.27 4.70 3.90
N ASN A 117 35.21 4.01 3.51
CA ASN A 117 34.38 3.33 4.47
C ASN A 117 34.72 1.87 4.67
N ALA A 118 35.76 1.36 4.04
CA ALA A 118 36.23 0.01 4.34
C ALA A 118 37.42 0.01 5.24
N LEU A 119 37.89 1.16 5.67
CA LEU A 119 39.03 1.22 6.55
C LEU A 119 38.68 0.82 7.97
N THR A 120 37.41 0.97 8.37
CA THR A 120 37.02 0.61 9.72
C THR A 120 36.90 -0.89 9.91
N GLY A 121 36.92 -1.66 8.84
CA GLY A 121 36.97 -3.10 8.95
C GLY A 121 35.64 -3.79 9.02
N LYS A 122 34.54 -3.09 8.83
CA LYS A 122 33.23 -3.70 8.97
C LYS A 122 32.63 -4.16 7.66
N GLY A 123 33.22 -3.81 6.53
CA GLY A 123 32.77 -4.36 5.27
C GLY A 123 31.85 -3.47 4.49
N VAL A 124 32.11 -3.32 3.20
CA VAL A 124 31.31 -2.51 2.30
C VAL A 124 30.77 -3.42 1.23
N HIS A 125 29.48 -3.31 0.94
CA HIS A 125 28.87 -4.05 -0.15
C HIS A 125 28.64 -3.10 -1.31
N VAL A 126 29.20 -3.43 -2.47
CA VAL A 126 28.96 -2.69 -3.69
C VAL A 126 28.01 -3.52 -4.54
N VAL A 127 26.80 -3.03 -4.69
CA VAL A 127 25.71 -3.76 -5.30
C VAL A 127 25.58 -3.30 -6.74
N THR A 128 25.39 -4.23 -7.66
CA THR A 128 25.14 -3.85 -9.03
C THR A 128 23.92 -4.63 -9.50
N VAL A 129 23.63 -4.53 -10.79
CA VAL A 129 22.37 -5.02 -11.32
C VAL A 129 22.46 -6.47 -11.74
N ASN A 130 23.55 -6.87 -12.37
CA ASN A 130 23.72 -8.24 -12.80
C ASN A 130 25.13 -8.68 -12.48
N GLU A 131 25.48 -9.87 -12.91
CA GLU A 131 26.76 -10.45 -12.55
C GLU A 131 27.85 -10.13 -13.55
N TYR A 132 27.49 -9.72 -14.76
CA TYR A 132 28.49 -9.22 -15.68
C TYR A 132 29.09 -7.93 -15.17
N LEU A 133 28.24 -7.01 -14.71
CA LEU A 133 28.72 -5.73 -14.22
C LEU A 133 29.44 -5.89 -12.91
N ALA A 134 28.96 -6.79 -12.05
CA ALA A 134 29.61 -7.05 -10.78
C ALA A 134 30.99 -7.62 -10.98
N SER A 135 31.13 -8.59 -11.89
CA SER A 135 32.45 -9.17 -12.13
C SER A 135 33.39 -8.20 -12.84
N ARG A 136 32.86 -7.35 -13.73
CA ARG A 136 33.68 -6.37 -14.42
C ARG A 136 34.23 -5.32 -13.45
N ASP A 137 33.34 -4.72 -12.66
CA ASP A 137 33.75 -3.74 -11.66
C ASP A 137 34.63 -4.34 -10.60
N ALA A 138 34.37 -5.60 -10.22
CA ALA A 138 35.19 -6.26 -9.24
C ALA A 138 36.60 -6.43 -9.73
N GLU A 139 36.77 -6.78 -11.00
CA GLU A 139 38.11 -6.95 -11.57
C GLU A 139 38.88 -5.64 -11.61
N GLN A 140 38.30 -4.60 -12.21
CA GLN A 140 39.06 -3.36 -12.37
C GLN A 140 39.26 -2.62 -11.04
N MET A 141 38.18 -2.34 -10.34
CA MET A 141 38.32 -1.63 -9.09
C MET A 141 38.93 -2.49 -8.00
N GLY A 142 38.92 -3.81 -8.14
CA GLY A 142 39.67 -4.62 -7.22
C GLY A 142 41.14 -4.56 -7.48
N LYS A 143 41.56 -4.29 -8.72
CA LYS A 143 42.96 -4.00 -8.95
C LYS A 143 43.38 -2.74 -8.20
N ILE A 144 42.53 -1.72 -8.20
CA ILE A 144 42.84 -0.50 -7.43
C ILE A 144 42.91 -0.78 -5.92
N PHE A 145 41.91 -1.46 -5.39
CA PHE A 145 41.84 -1.70 -3.94
C PHE A 145 42.91 -2.64 -3.46
N GLU A 146 43.32 -3.60 -4.28
CA GLU A 146 44.39 -4.48 -3.86
C GLU A 146 45.75 -3.86 -4.06
N PHE A 147 45.87 -2.83 -4.89
CA PHE A 147 47.05 -1.98 -4.80
C PHE A 147 47.11 -1.30 -3.45
N LEU A 148 45.99 -0.73 -3.02
CA LEU A 148 46.00 0.03 -1.77
C LEU A 148 46.13 -0.86 -0.55
N GLY A 149 45.72 -2.11 -0.64
CA GLY A 149 46.00 -3.03 0.44
C GLY A 149 44.79 -3.66 1.07
N LEU A 150 43.61 -3.39 0.53
CA LEU A 150 42.40 -3.99 1.07
C LEU A 150 42.17 -5.33 0.37
N THR A 151 41.02 -5.94 0.62
CA THR A 151 40.70 -7.24 0.06
C THR A 151 39.33 -7.14 -0.58
N VAL A 152 39.22 -7.62 -1.82
CA VAL A 152 37.98 -7.52 -2.57
C VAL A 152 37.46 -8.91 -2.82
N GLY A 153 36.29 -9.21 -2.31
CA GLY A 153 35.59 -10.42 -2.63
C GLY A 153 34.49 -10.14 -3.61
N LEU A 154 34.13 -11.14 -4.39
CA LEU A 154 33.06 -11.05 -5.36
C LEU A 154 32.09 -12.17 -5.08
N ASN A 155 30.87 -11.84 -4.76
CA ASN A 155 29.87 -12.80 -4.31
C ASN A 155 28.97 -13.13 -5.47
N LEU A 156 29.08 -14.35 -5.98
CA LEU A 156 28.33 -14.79 -7.14
C LEU A 156 27.29 -15.82 -6.74
N ASN A 157 26.37 -16.06 -7.66
CA ASN A 157 25.29 -17.00 -7.43
C ASN A 157 25.78 -18.44 -7.38
N SER A 158 26.91 -18.72 -8.01
CA SER A 158 27.38 -20.08 -8.17
C SER A 158 28.31 -20.53 -7.06
N MET A 159 28.64 -19.66 -6.12
CA MET A 159 29.63 -20.02 -5.12
C MET A 159 29.02 -20.91 -4.05
N SER A 160 29.89 -21.60 -3.33
CA SER A 160 29.48 -22.39 -2.18
C SER A 160 29.38 -21.48 -0.98
N LYS A 161 29.00 -22.04 0.16
CA LYS A 161 28.85 -21.23 1.35
C LYS A 161 30.19 -20.81 1.92
N ASP A 162 31.23 -21.60 1.71
CA ASP A 162 32.55 -21.24 2.21
C ASP A 162 33.18 -20.15 1.36
N GLU A 163 32.99 -20.21 0.05
CA GLU A 163 33.47 -19.14 -0.81
C GLU A 163 32.69 -17.86 -0.59
N LYS A 164 31.40 -17.97 -0.31
CA LYS A 164 30.61 -16.81 0.03
C LYS A 164 31.07 -16.22 1.36
N ARG A 165 31.42 -17.06 2.32
CA ARG A 165 31.90 -16.56 3.59
C ARG A 165 33.25 -15.91 3.45
N GLU A 166 34.08 -16.37 2.52
CA GLU A 166 35.34 -15.67 2.24
C GLU A 166 35.10 -14.37 1.49
N ALA A 167 34.05 -14.30 0.67
CA ALA A 167 33.75 -13.08 -0.05
C ALA A 167 33.21 -12.01 0.87
N TYR A 168 32.40 -12.38 1.84
CA TYR A 168 31.89 -11.39 2.76
C TYR A 168 32.88 -11.05 3.85
N ALA A 169 33.89 -11.87 4.07
CA ALA A 169 34.90 -11.54 5.06
C ALA A 169 35.93 -10.58 4.54
N ALA A 170 35.93 -10.30 3.24
CA ALA A 170 36.83 -9.34 2.67
C ALA A 170 36.40 -7.94 3.02
N ASP A 171 37.23 -6.98 2.68
CA ASP A 171 36.94 -5.61 3.06
C ASP A 171 35.83 -5.02 2.20
N ILE A 172 35.86 -5.31 0.90
CA ILE A 172 34.89 -4.82 -0.06
C ILE A 172 34.33 -6.03 -0.79
N THR A 173 33.01 -6.15 -0.85
CA THR A 173 32.35 -7.26 -1.50
C THR A 173 31.51 -6.72 -2.63
N TYR A 174 31.72 -7.25 -3.83
CA TYR A 174 30.92 -6.89 -4.99
C TYR A 174 29.87 -7.95 -5.20
N SER A 175 28.60 -7.56 -5.23
CA SER A 175 27.59 -8.55 -5.55
C SER A 175 26.46 -7.90 -6.29
N THR A 176 25.47 -8.70 -6.64
CA THR A 176 24.23 -8.21 -7.19
C THR A 176 23.20 -8.20 -6.09
N ASN A 177 22.07 -7.56 -6.33
CA ASN A 177 21.11 -7.35 -5.25
C ASN A 177 20.39 -8.63 -4.89
N ASN A 178 20.22 -9.52 -5.85
CA ASN A 178 19.58 -10.80 -5.59
C ASN A 178 20.41 -11.64 -4.65
N GLU A 179 21.71 -11.68 -4.85
CA GLU A 179 22.54 -12.53 -4.02
C GLU A 179 22.65 -12.00 -2.62
N LEU A 180 22.66 -10.69 -2.43
CA LEU A 180 22.65 -10.14 -1.09
C LEU A 180 21.36 -10.44 -0.38
N GLY A 181 20.23 -10.31 -1.08
CA GLY A 181 18.96 -10.62 -0.46
C GLY A 181 18.81 -12.08 -0.10
N PHE A 182 19.24 -12.97 -0.99
CA PHE A 182 19.12 -14.39 -0.71
C PHE A 182 20.10 -14.84 0.34
N ASP A 183 21.27 -14.22 0.43
CA ASP A 183 22.19 -14.57 1.50
C ASP A 183 21.66 -14.13 2.84
N TYR A 184 21.01 -12.98 2.89
CA TYR A 184 20.37 -12.57 4.13
C TYR A 184 19.25 -13.53 4.51
N LEU A 185 18.45 -13.94 3.56
CA LEU A 185 17.34 -14.82 3.88
C LEU A 185 17.80 -16.20 4.27
N ARG A 186 18.91 -16.67 3.72
CA ARG A 186 19.42 -17.96 4.10
C ARG A 186 20.24 -17.92 5.35
N ASP A 187 20.69 -16.76 5.79
CA ASP A 187 21.37 -16.66 7.07
C ASP A 187 20.43 -16.75 8.24
N ASN A 188 19.15 -16.54 8.01
CA ASN A 188 18.13 -16.64 9.03
C ASN A 188 17.37 -17.94 8.88
N MET A 189 18.03 -18.95 8.39
CA MET A 189 17.49 -20.29 8.28
C MET A 189 18.55 -21.29 8.68
N VAL A 190 19.66 -20.83 9.26
CA VAL A 190 20.73 -21.71 9.64
C VAL A 190 20.44 -22.32 11.01
N LEU A 191 21.18 -23.37 11.33
CA LEU A 191 21.08 -23.99 12.64
C LEU A 191 22.22 -23.61 13.55
N TYR A 192 23.40 -23.34 13.01
CA TYR A 192 24.51 -22.89 13.81
C TYR A 192 24.87 -21.48 13.39
N LYS A 193 25.40 -20.71 14.33
CA LYS A 193 25.78 -19.34 14.03
C LYS A 193 26.95 -19.29 13.06
N GLU A 194 27.76 -20.33 13.04
CA GLU A 194 28.94 -20.38 12.20
C GLU A 194 28.64 -20.85 10.79
N GLN A 195 27.37 -20.97 10.43
CA GLN A 195 26.97 -21.20 9.06
C GLN A 195 26.54 -19.94 8.35
N MET A 196 26.45 -18.82 9.05
CA MET A 196 26.06 -17.57 8.42
C MET A 196 27.23 -17.04 7.59
N VAL A 197 26.92 -16.57 6.39
CA VAL A 197 27.95 -16.10 5.49
C VAL A 197 28.13 -14.60 5.63
N GLN A 198 27.04 -13.88 5.87
CA GLN A 198 27.12 -12.43 5.89
C GLN A 198 27.64 -11.94 7.24
N ARG A 199 28.22 -10.78 7.23
CA ARG A 199 28.62 -10.08 8.42
C ARG A 199 27.47 -9.14 8.77
N PRO A 200 27.51 -8.38 9.86
CA PRO A 200 26.52 -7.32 10.05
C PRO A 200 26.58 -6.29 8.93
N LEU A 201 25.41 -5.83 8.53
CA LEU A 201 25.28 -5.00 7.35
C LEU A 201 25.65 -3.56 7.68
N HIS A 202 26.66 -3.04 7.00
CA HIS A 202 27.30 -1.79 7.39
C HIS A 202 27.17 -0.68 6.37
N PHE A 203 27.51 -0.93 5.11
CA PHE A 203 27.48 0.11 4.09
C PHE A 203 27.19 -0.55 2.78
N ALA A 204 26.26 0.01 2.01
CA ALA A 204 25.94 -0.49 0.69
C ALA A 204 26.03 0.67 -0.27
N VAL A 205 26.91 0.57 -1.25
CA VAL A 205 26.92 1.47 -2.38
C VAL A 205 26.17 0.77 -3.50
N ILE A 206 25.03 1.28 -3.89
CA ILE A 206 24.17 0.63 -4.85
C ILE A 206 24.37 1.30 -6.18
N ASP A 207 25.15 0.70 -7.07
CA ASP A 207 25.18 1.13 -8.45
C ASP A 207 23.86 0.83 -9.12
N GLU A 208 23.39 1.77 -9.96
CA GLU A 208 22.08 1.77 -10.60
C GLU A 208 20.96 1.65 -9.57
N VAL A 209 20.86 2.68 -8.75
CA VAL A 209 19.90 2.71 -7.66
C VAL A 209 18.46 2.65 -8.09
N ASP A 210 18.14 3.31 -9.19
CA ASP A 210 16.77 3.37 -9.63
C ASP A 210 16.31 2.06 -10.22
N SER A 211 17.22 1.25 -10.73
CA SER A 211 16.83 -0.10 -11.09
C SER A 211 16.54 -0.92 -9.87
N ILE A 212 17.40 -0.82 -8.87
CA ILE A 212 17.35 -1.73 -7.74
C ILE A 212 16.34 -1.26 -6.72
N LEU A 213 16.34 0.02 -6.39
CA LEU A 213 15.47 0.50 -5.32
C LEU A 213 14.14 1.06 -5.80
N ILE A 214 13.94 1.24 -7.10
CA ILE A 214 12.68 1.76 -7.59
C ILE A 214 12.03 0.71 -8.48
N ASP A 215 12.72 0.27 -9.52
CA ASP A 215 12.11 -0.66 -10.47
C ASP A 215 11.98 -2.06 -9.90
N GLU A 216 13.09 -2.67 -9.52
CA GLU A 216 13.06 -4.03 -9.03
C GLU A 216 12.53 -4.16 -7.62
N ALA A 217 12.31 -3.06 -6.91
CA ALA A 217 11.71 -3.09 -5.60
C ALA A 217 10.21 -3.32 -5.64
N ARG A 218 9.64 -3.48 -6.82
CA ARG A 218 8.26 -3.90 -7.00
C ARG A 218 8.05 -5.37 -6.65
N THR A 219 9.12 -6.15 -6.56
CA THR A 219 9.10 -7.59 -6.38
C THR A 219 9.77 -7.97 -5.08
N PRO A 220 9.32 -9.02 -4.44
CA PRO A 220 10.04 -9.57 -3.29
C PRO A 220 10.97 -10.72 -3.64
N LEU A 221 12.02 -10.90 -2.84
CA LEU A 221 12.82 -12.10 -2.89
C LEU A 221 12.17 -13.15 -2.02
N ILE A 222 12.08 -14.38 -2.55
CA ILE A 222 11.36 -15.45 -1.89
C ILE A 222 12.21 -16.70 -2.01
N ILE A 223 12.57 -17.28 -0.87
CA ILE A 223 13.26 -18.56 -0.84
C ILE A 223 12.21 -19.61 -0.60
N SER A 224 12.14 -20.60 -1.47
CA SER A 224 11.20 -21.70 -1.37
C SER A 224 11.93 -22.99 -1.08
N GLY A 225 11.16 -23.98 -0.68
CA GLY A 225 11.68 -25.32 -0.51
C GLY A 225 10.65 -26.28 -1.03
N GLN A 226 11.12 -27.39 -1.56
CA GLN A 226 10.22 -28.21 -2.37
C GLN A 226 9.27 -29.01 -1.51
N ALA A 227 8.02 -29.01 -1.92
CA ALA A 227 6.94 -29.76 -1.33
C ALA A 227 6.69 -31.00 -2.17
N ALA A 228 5.57 -31.66 -1.92
CA ALA A 228 5.26 -32.89 -2.62
C ALA A 228 4.87 -32.60 -4.06
N LYS A 229 5.06 -33.60 -4.90
CA LYS A 229 4.83 -33.47 -6.33
C LYS A 229 3.44 -33.95 -6.68
N SER A 230 2.73 -33.17 -7.47
CA SER A 230 1.57 -33.63 -8.21
C SER A 230 1.83 -33.38 -9.68
N THR A 231 1.28 -34.27 -10.51
CA THR A 231 1.48 -34.13 -11.95
C THR A 231 0.21 -34.40 -12.75
N LYS A 232 -0.77 -35.14 -12.24
CA LYS A 232 -1.87 -35.57 -13.09
C LYS A 232 -2.81 -34.43 -13.44
N LEU A 233 -3.01 -33.50 -12.52
CA LEU A 233 -3.91 -32.40 -12.82
C LEU A 233 -3.27 -31.39 -13.75
N TYR A 234 -1.94 -31.29 -13.76
CA TYR A 234 -1.27 -30.41 -14.71
C TYR A 234 -1.43 -30.91 -16.13
N VAL A 235 -1.25 -32.20 -16.34
CA VAL A 235 -1.42 -32.75 -17.68
C VAL A 235 -2.87 -32.76 -18.09
N GLN A 236 -3.79 -32.98 -17.14
CA GLN A 236 -5.20 -32.94 -17.46
C GLN A 236 -5.68 -31.56 -17.85
N ALA A 237 -5.29 -30.54 -17.08
CA ALA A 237 -5.68 -29.18 -17.38
C ALA A 237 -4.98 -28.66 -18.61
N ASN A 238 -3.77 -29.11 -18.88
CA ASN A 238 -3.09 -28.67 -20.09
C ASN A 238 -3.69 -29.31 -21.32
N ALA A 239 -4.13 -30.56 -21.22
CA ALA A 239 -4.81 -31.19 -22.34
C ALA A 239 -6.18 -30.61 -22.55
N PHE A 240 -6.80 -30.05 -21.51
CA PHE A 240 -8.07 -29.37 -21.71
C PHE A 240 -7.87 -28.01 -22.37
N VAL A 241 -6.92 -27.21 -21.88
CA VAL A 241 -6.75 -25.85 -22.37
C VAL A 241 -6.20 -25.80 -23.79
N ARG A 242 -5.50 -26.83 -24.22
CA ARG A 242 -4.97 -26.90 -25.58
C ARG A 242 -6.06 -27.04 -26.64
N THR A 243 -7.30 -27.30 -26.26
CA THR A 243 -8.44 -27.28 -27.18
C THR A 243 -9.42 -26.25 -26.68
N LEU A 244 -9.15 -24.96 -26.94
CA LEU A 244 -10.06 -24.01 -26.31
C LEU A 244 -10.35 -22.72 -27.06
N LYS A 245 -10.05 -22.58 -28.36
CA LYS A 245 -10.69 -21.56 -29.21
C LYS A 245 -10.70 -20.09 -28.76
N ALA A 246 -9.62 -19.36 -29.04
CA ALA A 246 -9.17 -18.16 -28.31
C ALA A 246 -10.20 -17.07 -28.07
N GLU A 247 -11.35 -17.07 -28.71
CA GLU A 247 -12.30 -15.99 -28.44
C GLU A 247 -13.60 -16.45 -27.84
N LYS A 248 -14.04 -17.66 -28.12
CA LYS A 248 -15.29 -18.14 -27.59
C LYS A 248 -15.16 -18.60 -26.15
N ASP A 249 -14.08 -19.31 -25.82
CA ASP A 249 -13.98 -19.94 -24.52
C ASP A 249 -13.10 -19.21 -23.54
N TYR A 250 -12.27 -18.29 -23.96
CA TYR A 250 -11.61 -17.48 -22.97
C TYR A 250 -11.47 -16.07 -23.50
N THR A 251 -11.34 -15.13 -22.58
CA THR A 251 -10.96 -13.77 -22.91
C THR A 251 -9.58 -13.53 -22.38
N TYR A 252 -8.70 -13.05 -23.23
CA TYR A 252 -7.40 -12.58 -22.81
C TYR A 252 -7.47 -11.06 -22.77
N ASP A 253 -7.33 -10.49 -21.58
CA ASP A 253 -7.28 -9.05 -21.43
C ASP A 253 -5.87 -8.57 -21.69
N ILE A 254 -5.69 -7.76 -22.72
CA ILE A 254 -4.34 -7.35 -23.10
C ILE A 254 -3.78 -6.34 -22.12
N LYS A 255 -4.64 -5.59 -21.44
CA LYS A 255 -4.19 -4.52 -20.56
C LYS A 255 -3.47 -5.09 -19.33
N THR A 256 -4.19 -5.82 -18.50
CA THR A 256 -3.60 -6.64 -17.45
C THR A 256 -3.73 -8.06 -17.94
N LYS A 257 -2.62 -8.77 -18.10
CA LYS A 257 -2.63 -9.99 -18.90
C LYS A 257 -3.36 -11.13 -18.21
N ALA A 258 -4.67 -10.98 -18.10
CA ALA A 258 -5.53 -11.87 -17.34
C ALA A 258 -6.34 -12.69 -18.30
N VAL A 259 -6.26 -13.99 -18.19
CA VAL A 259 -7.01 -14.89 -19.05
C VAL A 259 -8.10 -15.50 -18.21
N GLN A 260 -9.34 -15.38 -18.67
CA GLN A 260 -10.47 -15.89 -17.93
C GLN A 260 -11.31 -16.72 -18.85
N LEU A 261 -11.95 -17.75 -18.31
CA LEU A 261 -12.89 -18.51 -19.12
C LEU A 261 -14.14 -17.68 -19.37
N THR A 262 -14.81 -17.96 -20.47
CA THR A 262 -16.15 -17.43 -20.69
C THR A 262 -17.14 -18.50 -20.24
N GLU A 263 -18.42 -18.16 -20.28
CA GLU A 263 -19.42 -19.11 -19.82
C GLU A 263 -19.54 -20.30 -20.75
N GLU A 264 -19.23 -20.12 -22.03
CA GLU A 264 -19.07 -21.26 -22.92
C GLU A 264 -17.86 -22.10 -22.50
N GLY A 265 -16.78 -21.45 -22.09
CA GLY A 265 -15.60 -22.18 -21.67
C GLY A 265 -15.79 -22.85 -20.34
N MET A 266 -16.54 -22.23 -19.43
CA MET A 266 -16.86 -22.87 -18.16
C MET A 266 -17.75 -24.06 -18.37
N THR A 267 -18.69 -23.98 -19.31
CA THR A 267 -19.54 -25.13 -19.61
C THR A 267 -18.73 -26.28 -20.19
N LYS A 268 -17.79 -25.95 -21.07
CA LYS A 268 -16.93 -26.97 -21.64
C LYS A 268 -15.97 -27.56 -20.61
N ALA A 269 -15.54 -26.77 -19.63
CA ALA A 269 -14.70 -27.28 -18.55
C ALA A 269 -15.47 -28.23 -17.65
N GLU A 270 -16.71 -27.90 -17.35
CA GLU A 270 -17.51 -28.79 -16.53
C GLU A 270 -17.90 -30.04 -17.28
N LYS A 271 -17.99 -29.99 -18.59
CA LYS A 271 -18.28 -31.21 -19.32
C LYS A 271 -17.06 -32.08 -19.46
N ALA A 272 -15.88 -31.49 -19.63
CA ALA A 272 -14.68 -32.26 -19.91
C ALA A 272 -14.19 -33.03 -18.70
N PHE A 273 -14.47 -32.54 -17.49
CA PHE A 273 -13.97 -33.16 -16.28
C PHE A 273 -15.04 -33.93 -15.53
N GLY A 274 -16.26 -33.98 -16.04
CA GLY A 274 -17.32 -34.71 -15.39
C GLY A 274 -17.89 -34.07 -14.16
N ILE A 275 -17.51 -32.85 -13.82
CA ILE A 275 -18.03 -32.18 -12.65
C ILE A 275 -19.32 -31.47 -12.99
N ASP A 276 -20.04 -31.02 -11.98
CA ASP A 276 -21.30 -30.31 -12.17
C ASP A 276 -21.19 -28.82 -11.96
N ASN A 277 -20.32 -28.38 -11.05
CA ASN A 277 -20.07 -26.96 -10.84
C ASN A 277 -18.58 -26.80 -10.66
N LEU A 278 -17.96 -26.02 -11.55
CA LEU A 278 -16.53 -25.77 -11.42
C LEU A 278 -16.23 -24.87 -10.26
N PHE A 279 -17.21 -24.14 -9.76
CA PHE A 279 -16.98 -23.10 -8.78
C PHE A 279 -17.47 -23.51 -7.41
N ASP A 280 -17.47 -24.79 -7.13
CA ASP A 280 -17.70 -25.31 -5.80
C ASP A 280 -16.47 -25.08 -4.93
N VAL A 281 -16.52 -25.55 -3.70
CA VAL A 281 -15.34 -25.53 -2.85
C VAL A 281 -14.64 -26.86 -2.81
N LYS A 282 -15.18 -27.87 -3.47
CA LYS A 282 -14.48 -29.12 -3.62
C LYS A 282 -13.73 -29.20 -4.94
N HIS A 283 -13.96 -28.27 -5.85
CA HIS A 283 -13.25 -28.18 -7.11
C HIS A 283 -12.44 -26.91 -7.19
N VAL A 284 -11.79 -26.53 -6.09
CA VAL A 284 -10.96 -25.36 -6.15
C VAL A 284 -9.60 -25.72 -6.71
N ALA A 285 -9.18 -26.96 -6.57
CA ALA A 285 -7.92 -27.40 -7.15
C ALA A 285 -8.02 -27.52 -8.67
N LEU A 286 -9.14 -28.02 -9.16
CA LEU A 286 -9.33 -28.10 -10.60
C LEU A 286 -9.47 -26.71 -11.22
N ASN A 287 -10.11 -25.80 -10.51
CA ASN A 287 -10.24 -24.44 -11.02
C ASN A 287 -8.89 -23.74 -11.03
N HIS A 288 -8.05 -24.02 -10.04
CA HIS A 288 -6.72 -23.45 -10.02
C HIS A 288 -5.86 -24.00 -11.15
N HIS A 289 -6.00 -25.28 -11.44
CA HIS A 289 -5.20 -25.85 -12.51
C HIS A 289 -5.66 -25.39 -13.88
N ILE A 290 -6.96 -25.18 -14.05
CA ILE A 290 -7.45 -24.65 -15.32
C ILE A 290 -7.01 -23.21 -15.51
N ASN A 291 -7.02 -22.42 -14.44
CA ASN A 291 -6.59 -21.03 -14.58
C ASN A 291 -5.09 -20.92 -14.82
N GLN A 292 -4.29 -21.77 -14.22
CA GLN A 292 -2.87 -21.69 -14.46
C GLN A 292 -2.48 -22.27 -15.80
N ALA A 293 -3.23 -23.22 -16.32
CA ALA A 293 -2.97 -23.67 -17.68
C ALA A 293 -3.40 -22.62 -18.69
N LEU A 294 -4.44 -21.86 -18.40
CA LEU A 294 -4.80 -20.74 -19.26
C LEU A 294 -3.74 -19.67 -19.27
N LYS A 295 -3.23 -19.30 -18.11
CA LYS A 295 -2.18 -18.29 -18.08
C LYS A 295 -0.91 -18.78 -18.73
N ALA A 296 -0.58 -20.06 -18.58
CA ALA A 296 0.62 -20.58 -19.21
C ALA A 296 0.49 -20.63 -20.72
N HIS A 297 -0.71 -20.90 -21.24
CA HIS A 297 -0.87 -20.97 -22.67
C HIS A 297 -0.97 -19.59 -23.31
N VAL A 298 -1.80 -18.73 -22.74
CA VAL A 298 -2.14 -17.49 -23.42
C VAL A 298 -1.26 -16.34 -22.98
N ALA A 299 -1.05 -16.16 -21.70
CA ALA A 299 -0.39 -14.96 -21.22
C ALA A 299 1.11 -15.07 -21.15
N MET A 300 1.69 -16.26 -21.29
CA MET A 300 3.11 -16.47 -21.12
C MET A 300 3.67 -16.96 -22.44
N GLN A 301 4.16 -16.04 -23.26
CA GLN A 301 4.69 -16.42 -24.56
C GLN A 301 6.09 -16.95 -24.39
N LYS A 302 6.50 -17.84 -25.30
CA LYS A 302 7.71 -18.62 -25.08
C LYS A 302 8.96 -17.77 -25.06
N ASP A 303 9.42 -17.23 -26.17
CA ASP A 303 10.72 -16.58 -26.09
C ASP A 303 10.66 -15.18 -25.53
N VAL A 304 9.50 -14.72 -25.09
CA VAL A 304 9.41 -13.45 -24.41
C VAL A 304 9.63 -13.59 -22.92
N ASP A 305 8.92 -14.52 -22.29
CA ASP A 305 8.88 -14.62 -20.83
C ASP A 305 9.78 -15.70 -20.27
N TYR A 306 10.08 -16.74 -21.02
CA TYR A 306 10.94 -17.80 -20.55
C TYR A 306 11.76 -18.28 -21.73
N VAL A 307 12.53 -19.33 -21.54
CA VAL A 307 13.19 -20.04 -22.63
C VAL A 307 13.15 -21.50 -22.24
N VAL A 308 13.40 -22.37 -23.18
CA VAL A 308 13.54 -23.78 -22.89
C VAL A 308 14.99 -24.15 -23.13
N GLU A 309 15.71 -24.40 -22.05
CA GLU A 309 17.13 -24.71 -22.07
C GLU A 309 17.33 -26.04 -21.36
N ASP A 310 17.80 -27.04 -22.11
CA ASP A 310 18.18 -28.35 -21.60
C ASP A 310 17.01 -29.06 -20.93
N GLY A 311 15.85 -28.98 -21.58
CA GLY A 311 14.67 -29.60 -21.02
C GLY A 311 14.14 -28.94 -19.78
N GLN A 312 14.40 -27.66 -19.60
CA GLN A 312 13.96 -26.92 -18.44
C GLN A 312 13.39 -25.59 -18.91
N VAL A 313 12.42 -25.08 -18.17
CA VAL A 313 11.90 -23.74 -18.40
C VAL A 313 12.71 -22.78 -17.56
N VAL A 314 13.42 -21.86 -18.20
CA VAL A 314 14.25 -20.89 -17.51
C VAL A 314 13.63 -19.52 -17.69
N ILE A 315 13.50 -18.78 -16.62
CA ILE A 315 12.81 -17.51 -16.68
C ILE A 315 13.76 -16.43 -17.16
N VAL A 316 13.34 -15.67 -18.15
CA VAL A 316 14.06 -14.47 -18.56
C VAL A 316 13.57 -13.33 -17.68
N ASP A 317 14.50 -12.67 -17.00
CA ASP A 317 14.16 -11.62 -16.07
C ASP A 317 13.61 -10.40 -16.80
N SER A 318 12.62 -9.75 -16.21
CA SER A 318 11.97 -8.64 -16.88
C SER A 318 12.84 -7.40 -16.89
N PHE A 319 13.63 -7.21 -15.85
CA PHE A 319 14.44 -6.00 -15.73
C PHE A 319 15.81 -6.19 -16.34
N THR A 320 16.55 -7.18 -15.87
CA THR A 320 17.91 -7.35 -16.33
C THR A 320 17.97 -8.03 -17.69
N GLY A 321 16.94 -8.75 -18.07
CA GLY A 321 16.93 -9.37 -19.36
C GLY A 321 17.78 -10.60 -19.50
N ARG A 322 18.19 -11.21 -18.42
CA ARG A 322 18.99 -12.41 -18.47
C ARG A 322 18.29 -13.53 -17.74
N LEU A 323 18.79 -14.75 -17.92
CA LEU A 323 18.16 -15.94 -17.38
C LEU A 323 18.34 -16.04 -15.89
N MET A 324 17.26 -16.29 -15.18
CA MET A 324 17.29 -16.53 -13.76
C MET A 324 17.22 -18.03 -13.55
N LYS A 325 18.35 -18.64 -13.22
CA LYS A 325 18.46 -20.08 -13.34
C LYS A 325 17.78 -20.82 -12.21
N GLY A 326 17.94 -20.36 -10.98
CA GLY A 326 17.30 -21.07 -9.90
C GLY A 326 15.84 -20.74 -9.73
N ARG A 327 15.40 -19.62 -10.27
CA ARG A 327 14.10 -19.08 -9.94
C ARG A 327 13.01 -19.74 -10.75
N ARG A 328 11.87 -19.96 -10.11
CA ARG A 328 10.73 -20.65 -10.68
C ARG A 328 9.47 -19.85 -10.39
N TYR A 329 8.48 -19.97 -11.26
CA TYR A 329 7.23 -19.27 -11.07
C TYR A 329 6.42 -19.89 -9.95
N SER A 330 5.81 -19.05 -9.14
CA SER A 330 5.07 -19.51 -7.99
C SER A 330 3.67 -19.93 -8.37
N GLU A 331 2.99 -20.58 -7.43
CA GLU A 331 1.58 -20.94 -7.50
C GLU A 331 1.26 -21.87 -8.64
N GLY A 332 2.20 -22.72 -9.01
CA GLY A 332 1.92 -23.71 -10.01
C GLY A 332 1.99 -23.23 -11.42
N LEU A 333 2.54 -22.05 -11.67
CA LEU A 333 2.65 -21.59 -13.03
C LEU A 333 3.82 -22.22 -13.74
N HIS A 334 4.90 -22.50 -13.02
CA HIS A 334 6.05 -23.12 -13.64
C HIS A 334 5.74 -24.52 -14.08
N GLN A 335 4.93 -25.23 -13.30
CA GLN A 335 4.55 -26.59 -13.65
C GLN A 335 3.58 -26.59 -14.80
N ALA A 336 2.75 -25.57 -14.91
CA ALA A 336 1.85 -25.46 -16.04
C ALA A 336 2.59 -25.11 -17.32
N ILE A 337 3.67 -24.34 -17.22
CA ILE A 337 4.50 -24.06 -18.39
C ILE A 337 5.27 -25.28 -18.81
N GLU A 338 5.76 -26.06 -17.85
CA GLU A 338 6.45 -27.29 -18.19
C GLU A 338 5.52 -28.33 -18.76
N ALA A 339 4.25 -28.35 -18.35
CA ALA A 339 3.29 -29.23 -18.99
C ALA A 339 2.94 -28.74 -20.37
N LYS A 340 2.90 -27.42 -20.57
CA LYS A 340 2.62 -26.87 -21.88
C LYS A 340 3.73 -27.18 -22.86
N GLU A 341 4.98 -27.06 -22.44
CA GLU A 341 6.11 -27.30 -23.30
C GLU A 341 6.41 -28.77 -23.48
N GLY A 342 5.80 -29.65 -22.70
CA GLY A 342 6.09 -31.06 -22.84
C GLY A 342 7.32 -31.51 -22.12
N LEU A 343 7.70 -30.82 -21.06
CA LEU A 343 8.88 -31.15 -20.29
C LEU A 343 8.47 -31.89 -19.03
N GLU A 344 9.46 -32.23 -18.22
CA GLU A 344 9.21 -32.96 -16.99
C GLU A 344 8.71 -31.99 -15.93
N ILE A 345 7.56 -32.27 -15.36
CA ILE A 345 6.94 -31.41 -14.36
C ILE A 345 7.60 -31.67 -13.01
N GLN A 346 8.07 -30.62 -12.37
CA GLN A 346 8.85 -30.74 -11.15
C GLN A 346 7.94 -30.67 -9.92
N ASN A 347 8.54 -30.67 -8.74
CA ASN A 347 7.74 -30.63 -7.53
C ASN A 347 7.18 -29.25 -7.31
N GLU A 348 6.28 -29.16 -6.35
CA GLU A 348 5.77 -27.87 -5.95
C GLU A 348 6.75 -27.19 -5.04
N SER A 349 6.41 -26.01 -4.58
CA SER A 349 7.28 -25.30 -3.68
C SER A 349 6.48 -24.74 -2.54
N MET A 350 7.17 -24.06 -1.65
CA MET A 350 6.65 -23.74 -0.34
C MET A 350 7.51 -22.63 0.20
N THR A 351 6.93 -21.46 0.41
CA THR A 351 7.71 -20.29 0.77
C THR A 351 8.32 -20.43 2.15
N LEU A 352 9.64 -20.47 2.21
CA LEU A 352 10.33 -20.51 3.48
C LEU A 352 10.65 -19.12 3.98
N ALA A 353 11.08 -18.22 3.11
CA ALA A 353 11.45 -16.90 3.58
C ALA A 353 11.10 -15.88 2.52
N THR A 354 10.91 -14.64 2.94
CA THR A 354 10.48 -13.57 2.07
C THR A 354 11.06 -12.27 2.58
N ILE A 355 11.53 -11.42 1.68
CA ILE A 355 11.88 -10.04 2.01
C ILE A 355 11.69 -9.22 0.76
N THR A 356 11.56 -7.91 0.91
CA THR A 356 11.54 -7.00 -0.24
C THR A 356 12.86 -6.26 -0.29
N PHE A 357 13.10 -5.57 -1.39
CA PHE A 357 14.36 -4.85 -1.48
C PHE A 357 14.35 -3.57 -0.67
N GLN A 358 13.18 -2.98 -0.44
CA GLN A 358 13.09 -1.82 0.45
C GLN A 358 13.46 -2.22 1.86
N ASN A 359 12.84 -3.26 2.37
CA ASN A 359 13.09 -3.70 3.73
C ASN A 359 14.44 -4.37 3.88
N TYR A 360 15.03 -4.87 2.81
CA TYR A 360 16.39 -5.36 2.92
C TYR A 360 17.37 -4.21 2.98
N PHE A 361 17.28 -3.27 2.06
CA PHE A 361 18.29 -2.23 2.04
C PHE A 361 18.07 -1.17 3.09
N ARG A 362 16.94 -1.15 3.76
CA ARG A 362 16.76 -0.24 4.89
C ARG A 362 17.25 -0.84 6.19
N MET A 363 17.99 -1.94 6.15
CA MET A 363 18.62 -2.54 7.30
C MET A 363 20.09 -2.28 7.37
N TYR A 364 20.60 -1.30 6.64
CA TYR A 364 21.98 -1.37 6.25
C TYR A 364 22.88 -0.40 6.95
N GLU A 365 22.39 0.42 7.87
CA GLU A 365 23.14 1.33 8.74
C GLU A 365 23.76 2.52 8.01
N LYS A 366 23.89 2.41 6.69
CA LYS A 366 24.34 3.46 5.81
C LYS A 366 24.10 3.00 4.40
N LEU A 367 23.54 3.85 3.56
CA LEU A 367 23.12 3.45 2.24
C LEU A 367 23.43 4.60 1.31
N ALA A 368 24.12 4.32 0.22
CA ALA A 368 24.43 5.32 -0.77
C ALA A 368 23.97 4.80 -2.11
N GLY A 369 24.24 5.54 -3.16
CA GLY A 369 23.87 5.04 -4.46
C GLY A 369 24.22 6.04 -5.54
N MET A 370 24.40 5.53 -6.74
CA MET A 370 24.68 6.38 -7.88
C MET A 370 23.97 5.83 -9.08
N THR A 371 23.41 6.71 -9.89
CA THR A 371 22.74 6.30 -11.10
C THR A 371 22.73 7.46 -12.08
N GLY A 372 22.25 7.22 -13.27
CA GLY A 372 22.24 8.24 -14.28
C GLY A 372 20.92 8.94 -14.39
N THR A 373 19.89 8.35 -13.78
CA THR A 373 18.51 8.68 -14.08
C THR A 373 17.70 8.79 -12.79
N ALA A 374 18.17 9.56 -11.82
CA ALA A 374 17.51 9.56 -10.53
C ALA A 374 16.49 10.67 -10.34
N LYS A 375 16.60 11.78 -11.08
CA LYS A 375 15.96 13.02 -10.66
C LYS A 375 14.45 12.96 -10.74
N THR A 376 13.91 12.12 -11.61
CA THR A 376 12.46 12.06 -11.73
C THR A 376 11.85 11.26 -10.60
N GLU A 377 12.64 10.44 -9.91
CA GLU A 377 12.15 9.62 -8.81
C GLU A 377 12.57 10.15 -7.46
N GLU A 378 12.97 11.43 -7.41
CA GLU A 378 13.66 12.00 -6.26
C GLU A 378 12.83 11.95 -5.00
N GLU A 379 11.55 12.31 -5.10
CA GLU A 379 10.70 12.32 -3.93
C GLU A 379 10.46 10.93 -3.39
N GLU A 380 10.48 9.92 -4.26
CA GLU A 380 10.40 8.54 -3.80
C GLU A 380 11.63 8.16 -2.98
N PHE A 381 12.80 8.57 -3.45
CA PHE A 381 14.02 8.37 -2.69
C PHE A 381 14.03 9.17 -1.41
N ARG A 382 13.21 10.21 -1.32
CA ARG A 382 13.13 10.95 -0.07
C ARG A 382 12.12 10.30 0.86
N ASN A 383 11.09 9.69 0.32
CA ASN A 383 10.02 9.24 1.21
C ASN A 383 10.36 7.93 1.88
N ILE A 384 11.03 7.05 1.16
CA ILE A 384 11.30 5.72 1.70
C ILE A 384 12.68 5.66 2.32
N TYR A 385 13.71 5.99 1.56
CA TYR A 385 15.05 5.72 2.01
C TYR A 385 15.70 6.87 2.73
N ASN A 386 15.05 8.04 2.76
CA ASN A 386 15.59 9.29 3.27
C ASN A 386 16.92 9.64 2.62
N MET A 387 16.98 9.45 1.31
CA MET A 387 18.17 9.74 0.53
C MET A 387 17.88 10.92 -0.38
N GLN A 388 18.85 11.79 -0.54
CA GLN A 388 18.68 13.04 -1.26
C GLN A 388 19.42 12.94 -2.57
N VAL A 389 18.72 13.08 -3.67
CA VAL A 389 19.34 12.98 -4.98
C VAL A 389 20.17 14.21 -5.25
N VAL A 390 21.47 14.03 -5.40
CA VAL A 390 22.39 15.10 -5.70
C VAL A 390 22.80 15.00 -7.15
N THR A 391 22.66 16.08 -7.90
CA THR A 391 22.99 16.07 -9.31
C THR A 391 24.39 16.63 -9.52
N ILE A 392 25.22 15.88 -10.23
CA ILE A 392 26.62 16.21 -10.40
C ILE A 392 26.82 16.71 -11.83
N PRO A 393 27.66 17.71 -12.08
CA PRO A 393 27.99 18.10 -13.46
C PRO A 393 28.77 17.06 -14.24
N THR A 394 29.19 17.38 -15.46
CA THR A 394 29.70 16.34 -16.33
C THR A 394 31.15 16.45 -16.73
N ASN A 395 31.74 17.66 -16.69
CA ASN A 395 33.13 18.04 -17.03
C ASN A 395 33.38 18.00 -18.54
N ARG A 396 32.42 17.52 -19.31
CA ARG A 396 32.50 17.55 -20.74
C ARG A 396 31.05 17.47 -21.16
N PRO A 397 30.60 18.32 -22.07
CA PRO A 397 29.18 18.39 -22.38
C PRO A 397 28.73 17.21 -23.22
N VAL A 398 27.43 16.95 -23.17
CA VAL A 398 26.87 15.82 -23.90
C VAL A 398 26.67 16.23 -25.35
N VAL A 399 27.46 15.62 -26.23
CA VAL A 399 27.47 15.92 -27.66
C VAL A 399 26.61 14.85 -28.34
N ARG A 400 25.98 14.00 -27.54
CA ARG A 400 25.12 12.96 -28.09
C ARG A 400 23.85 13.55 -28.64
N ASP A 401 23.40 13.01 -29.76
CA ASP A 401 22.33 13.56 -30.57
C ASP A 401 21.08 12.71 -30.38
N ASP A 402 20.15 13.19 -29.57
CA ASP A 402 18.93 12.44 -29.27
C ASP A 402 17.82 12.87 -30.20
N ARG A 403 17.65 12.14 -31.26
CA ARG A 403 16.64 12.45 -32.26
C ARG A 403 15.27 11.99 -31.79
N PRO A 404 14.19 12.64 -32.24
CA PRO A 404 12.85 12.23 -31.82
C PRO A 404 12.43 10.92 -32.45
N ASP A 405 11.37 10.35 -31.91
CA ASP A 405 10.95 9.01 -32.28
C ASP A 405 10.28 9.01 -33.65
N LEU A 406 10.46 7.92 -34.38
CA LEU A 406 9.84 7.73 -35.67
C LEU A 406 8.72 6.73 -35.52
N ILE A 407 7.50 7.22 -35.42
CA ILE A 407 6.33 6.39 -35.13
C ILE A 407 5.77 5.88 -36.43
N TYR A 408 5.48 4.58 -36.49
CA TYR A 408 4.98 3.93 -37.68
C TYR A 408 3.62 3.32 -37.42
N ARG A 409 2.98 2.84 -38.48
CA ARG A 409 1.65 2.28 -38.34
C ARG A 409 1.71 0.84 -37.89
N THR A 410 2.51 0.02 -38.57
CA THR A 410 2.59 -1.40 -38.29
C THR A 410 3.97 -1.75 -37.80
N MET A 411 4.10 -2.94 -37.23
CA MET A 411 5.39 -3.40 -36.80
C MET A 411 6.24 -3.87 -37.96
N GLU A 412 5.63 -4.29 -39.05
CA GLU A 412 6.43 -4.69 -40.20
C GLU A 412 7.04 -3.49 -40.89
N GLY A 413 6.34 -2.36 -40.89
CA GLY A 413 6.91 -1.15 -41.44
C GLY A 413 8.01 -0.57 -40.59
N LYS A 414 7.83 -0.63 -39.26
CA LYS A 414 8.87 -0.20 -38.34
C LYS A 414 10.11 -1.05 -38.47
N PHE A 415 9.95 -2.37 -38.58
CA PHE A 415 11.13 -3.21 -38.65
C PHE A 415 11.80 -3.13 -40.01
N LYS A 416 11.04 -2.85 -41.07
CA LYS A 416 11.67 -2.57 -42.35
C LYS A 416 12.46 -1.28 -42.29
N ALA A 417 11.95 -0.29 -41.57
CA ALA A 417 12.68 0.97 -41.43
C ALA A 417 13.94 0.80 -40.59
N VAL A 418 13.86 0.00 -39.53
CA VAL A 418 15.01 -0.25 -38.68
C VAL A 418 16.09 -0.96 -39.44
N ALA A 419 15.72 -1.97 -40.24
CA ALA A 419 16.71 -2.67 -41.04
C ALA A 419 17.28 -1.79 -42.14
N GLU A 420 16.50 -0.85 -42.67
CA GLU A 420 17.03 0.06 -43.68
C GLU A 420 18.01 1.07 -43.07
N ASP A 421 17.70 1.55 -41.87
CA ASP A 421 18.60 2.45 -41.13
C ASP A 421 19.91 1.76 -40.78
N VAL A 422 19.82 0.53 -40.28
CA VAL A 422 21.01 -0.23 -39.92
C VAL A 422 21.85 -0.53 -41.14
N ALA A 423 21.19 -0.76 -42.27
CA ALA A 423 21.92 -0.98 -43.51
C ALA A 423 22.64 0.26 -43.97
N GLN A 424 22.02 1.43 -43.87
CA GLN A 424 22.71 2.59 -44.39
C GLN A 424 23.69 3.20 -43.41
N ARG A 425 23.66 2.78 -42.14
CA ARG A 425 24.76 3.12 -41.24
C ARG A 425 25.89 2.13 -41.31
N TYR A 426 25.61 0.89 -41.70
CA TYR A 426 26.68 -0.07 -41.88
C TYR A 426 27.55 0.28 -43.09
N MET A 427 26.99 0.98 -44.07
CA MET A 427 27.75 1.28 -45.27
C MET A 427 28.82 2.33 -45.04
N THR A 428 28.62 3.24 -44.10
CA THR A 428 29.67 4.21 -43.79
C THR A 428 30.74 3.60 -42.91
N GLY A 429 30.37 2.70 -42.01
CA GLY A 429 31.29 2.10 -41.06
C GLY A 429 30.97 2.42 -39.62
N GLN A 430 29.95 3.18 -39.35
CA GLN A 430 29.60 3.53 -37.99
C GLN A 430 29.03 2.31 -37.28
N PRO A 431 29.44 2.03 -36.05
CA PRO A 431 28.87 0.90 -35.34
C PRO A 431 27.45 1.18 -34.89
N VAL A 432 26.60 0.19 -35.02
CA VAL A 432 25.19 0.33 -34.67
C VAL A 432 24.92 -0.60 -33.50
N LEU A 433 24.09 -0.16 -32.57
CA LEU A 433 23.57 -1.02 -31.52
C LEU A 433 22.06 -0.92 -31.56
N VAL A 434 21.40 -1.95 -31.99
CA VAL A 434 19.95 -2.00 -32.03
C VAL A 434 19.46 -2.54 -30.70
N GLY A 435 18.50 -1.87 -30.09
CA GLY A 435 18.05 -2.31 -28.79
C GLY A 435 16.61 -2.75 -28.73
N THR A 436 16.39 -4.03 -28.56
CA THR A 436 15.07 -4.61 -28.44
C THR A 436 14.77 -4.88 -26.97
N VAL A 437 13.72 -5.64 -26.68
CA VAL A 437 13.42 -6.08 -25.33
C VAL A 437 13.37 -7.60 -25.25
N ALA A 438 12.59 -8.23 -26.11
CA ALA A 438 12.40 -9.66 -26.00
C ALA A 438 13.49 -10.40 -26.77
N VAL A 439 13.51 -11.71 -26.59
CA VAL A 439 14.47 -12.52 -27.30
C VAL A 439 13.97 -12.84 -28.69
N GLU A 440 12.66 -12.92 -28.86
CA GLU A 440 12.13 -13.29 -30.17
C GLU A 440 12.12 -12.13 -31.13
N THR A 441 11.95 -10.89 -30.65
CA THR A 441 12.04 -9.78 -31.58
C THR A 441 13.48 -9.53 -31.97
N SER A 442 14.41 -9.87 -31.08
CA SER A 442 15.82 -9.79 -31.40
C SER A 442 16.21 -10.82 -32.44
N GLU A 443 15.66 -12.02 -32.37
CA GLU A 443 15.92 -12.98 -33.44
C GLU A 443 15.20 -12.62 -34.73
N LEU A 444 14.03 -11.98 -34.64
CA LEU A 444 13.33 -11.50 -35.82
C LEU A 444 14.12 -10.43 -36.55
N ILE A 445 14.68 -9.48 -35.83
CA ILE A 445 15.47 -8.46 -36.49
C ILE A 445 16.84 -8.97 -36.91
N SER A 446 17.34 -10.02 -36.27
CA SER A 446 18.57 -10.64 -36.76
C SER A 446 18.35 -11.33 -38.09
N LYS A 447 17.21 -12.00 -38.26
CA LYS A 447 16.93 -12.55 -39.59
C LYS A 447 16.50 -11.48 -40.58
N LEU A 448 16.08 -10.31 -40.09
CA LEU A 448 15.81 -9.20 -40.99
C LEU A 448 17.08 -8.60 -41.52
N LEU A 449 18.18 -8.71 -40.78
CA LEU A 449 19.48 -8.28 -41.28
C LEU A 449 20.29 -9.42 -41.89
N LYS A 450 19.84 -10.66 -41.77
CA LYS A 450 20.60 -11.77 -42.36
C LYS A 450 20.49 -11.76 -43.86
N ASN A 451 19.28 -11.93 -44.39
CA ASN A 451 19.03 -11.36 -45.70
C ASN A 451 19.06 -9.86 -45.54
N LYS A 452 19.54 -9.18 -46.58
CA LYS A 452 20.22 -7.89 -46.68
C LYS A 452 21.71 -8.01 -46.39
N GLY A 453 22.20 -9.18 -45.96
CA GLY A 453 23.62 -9.48 -45.88
C GLY A 453 24.49 -8.60 -45.01
N ILE A 454 24.09 -8.37 -43.76
CA ILE A 454 24.80 -7.48 -42.86
C ILE A 454 25.30 -8.32 -41.69
N PRO A 455 26.61 -8.42 -41.47
CA PRO A 455 27.14 -9.26 -40.39
C PRO A 455 26.95 -8.59 -39.04
N HIS A 456 26.30 -9.29 -38.12
CA HIS A 456 25.94 -8.72 -36.84
C HIS A 456 26.23 -9.71 -35.74
N GLN A 457 26.13 -9.25 -34.51
CA GLN A 457 26.12 -10.09 -33.33
C GLN A 457 24.81 -9.91 -32.61
N VAL A 458 24.37 -10.94 -31.90
CA VAL A 458 23.13 -10.89 -31.14
C VAL A 458 23.45 -11.18 -29.69
N LEU A 459 22.95 -10.36 -28.78
CA LEU A 459 23.15 -10.52 -27.35
C LEU A 459 21.79 -10.69 -26.70
N ASN A 460 21.28 -11.92 -26.71
CA ASN A 460 20.03 -12.25 -26.09
C ASN A 460 20.29 -12.75 -24.68
N ALA A 461 19.22 -13.19 -24.03
CA ALA A 461 19.36 -13.99 -22.83
C ALA A 461 20.00 -15.33 -23.13
N LYS A 462 19.78 -15.86 -24.33
CA LYS A 462 20.34 -17.14 -24.70
C LYS A 462 21.80 -17.07 -25.11
N ASN A 463 22.29 -15.89 -25.49
CA ASN A 463 23.67 -15.71 -25.94
C ASN A 463 24.52 -15.06 -24.88
N HIS A 464 24.33 -15.40 -23.63
CA HIS A 464 25.02 -14.70 -22.54
C HIS A 464 26.46 -15.13 -22.36
N GLU A 465 26.92 -16.19 -23.03
CA GLU A 465 28.27 -16.66 -22.78
C GLU A 465 29.30 -15.82 -23.50
N ARG A 466 28.94 -15.24 -24.63
CA ARG A 466 29.87 -14.46 -25.43
C ARG A 466 29.79 -12.99 -25.13
N GLU A 467 29.15 -12.60 -24.03
CA GLU A 467 28.76 -11.21 -23.80
C GLU A 467 29.95 -10.30 -23.68
N ALA A 468 30.91 -10.67 -22.86
CA ALA A 468 32.12 -9.87 -22.69
C ALA A 468 32.95 -9.80 -23.96
N GLN A 469 32.76 -10.73 -24.89
CA GLN A 469 33.42 -10.61 -26.17
C GLN A 469 32.65 -9.67 -27.09
N ILE A 470 31.33 -9.76 -27.09
CA ILE A 470 30.49 -8.98 -27.99
C ILE A 470 30.63 -7.49 -27.67
N ILE A 471 30.64 -7.15 -26.39
CA ILE A 471 30.81 -5.77 -25.95
C ILE A 471 32.19 -5.24 -26.32
N GLU A 472 33.18 -6.11 -26.43
CA GLU A 472 34.48 -5.57 -26.81
C GLU A 472 34.60 -5.36 -28.30
N GLU A 473 33.70 -5.92 -29.10
CA GLU A 473 33.72 -5.69 -30.53
C GLU A 473 32.60 -4.78 -30.98
N ALA A 474 31.71 -4.38 -30.09
CA ALA A 474 30.50 -3.69 -30.50
C ALA A 474 30.74 -2.25 -30.89
N GLY A 475 31.91 -1.71 -30.62
CA GLY A 475 32.16 -0.33 -30.95
C GLY A 475 33.27 -0.17 -31.96
N GLN A 476 33.53 -1.20 -32.73
CA GLN A 476 34.57 -1.17 -33.72
C GLN A 476 34.03 -0.54 -34.99
N LYS A 477 34.80 -0.56 -36.06
CA LYS A 477 34.35 0.01 -37.31
C LYS A 477 33.49 -1.01 -38.04
N GLY A 478 32.23 -0.65 -38.28
CA GLY A 478 31.30 -1.53 -38.95
C GLY A 478 30.91 -2.71 -38.10
N ALA A 479 30.23 -2.45 -37.00
CA ALA A 479 29.89 -3.49 -36.04
C ALA A 479 28.44 -3.33 -35.66
N VAL A 480 27.59 -4.21 -36.15
CA VAL A 480 26.19 -4.19 -35.81
C VAL A 480 25.95 -5.15 -34.67
N THR A 481 25.28 -4.67 -33.63
CA THR A 481 24.98 -5.50 -32.47
C THR A 481 23.51 -5.36 -32.15
N ILE A 482 22.76 -6.43 -32.28
CA ILE A 482 21.38 -6.46 -31.80
C ILE A 482 21.41 -6.94 -30.37
N ALA A 483 20.78 -6.22 -29.47
CA ALA A 483 20.89 -6.54 -28.07
C ALA A 483 19.58 -6.26 -27.38
N THR A 484 19.24 -7.08 -26.41
CA THR A 484 18.01 -6.93 -25.65
C THR A 484 18.31 -6.04 -24.45
N ASN A 485 17.48 -6.13 -23.41
CA ASN A 485 17.69 -5.45 -22.13
C ASN A 485 19.05 -5.69 -21.50
N MET A 486 19.74 -6.76 -21.90
CA MET A 486 21.08 -7.08 -21.44
C MET A 486 22.05 -5.92 -21.60
N ALA A 487 22.01 -5.26 -22.75
CA ALA A 487 22.99 -4.21 -22.99
C ALA A 487 22.60 -2.91 -22.32
N GLY A 488 21.36 -2.50 -22.42
CA GLY A 488 21.05 -1.14 -22.04
C GLY A 488 20.97 -0.78 -20.57
N ARG A 489 21.89 -1.22 -19.74
CA ARG A 489 21.87 -0.70 -18.38
C ARG A 489 23.22 -0.24 -17.86
N GLY A 490 24.28 -0.96 -18.13
CA GLY A 490 25.52 -0.54 -17.54
C GLY A 490 26.69 -0.79 -18.44
N THR A 491 26.38 -1.31 -19.61
CA THR A 491 27.38 -1.76 -20.55
C THR A 491 28.18 -0.60 -21.10
N ASP A 492 29.49 -0.71 -21.04
CA ASP A 492 30.41 0.32 -21.46
C ASP A 492 31.05 -0.10 -22.77
N ILE A 493 30.53 0.42 -23.88
CA ILE A 493 31.06 0.10 -25.20
C ILE A 493 32.11 1.14 -25.55
N LYS A 494 33.33 0.67 -25.82
CA LYS A 494 34.43 1.56 -26.17
C LYS A 494 34.58 1.62 -27.67
N LEU A 495 34.93 2.79 -28.17
CA LEU A 495 34.96 3.03 -29.60
C LEU A 495 36.33 2.72 -30.18
N GLY A 496 36.33 2.11 -31.36
CA GLY A 496 37.54 1.76 -32.04
C GLY A 496 38.12 2.92 -32.82
N GLU A 497 39.11 2.61 -33.65
CA GLU A 497 39.87 3.64 -34.34
C GLU A 497 39.11 4.17 -35.54
N GLY A 498 38.99 5.48 -35.64
CA GLY A 498 38.22 6.10 -36.69
C GLY A 498 36.75 6.17 -36.43
N VAL A 499 36.26 5.49 -35.41
CA VAL A 499 34.83 5.45 -35.13
C VAL A 499 34.35 6.76 -34.54
N LYS A 500 35.23 7.46 -33.82
CA LYS A 500 34.86 8.77 -33.30
C LYS A 500 34.77 9.84 -34.37
N GLU A 501 35.24 9.58 -35.58
CA GLU A 501 35.08 10.51 -36.69
C GLU A 501 33.81 10.26 -37.47
N LEU A 502 33.23 9.07 -37.37
CA LEU A 502 31.96 8.76 -37.98
C LEU A 502 30.80 9.09 -37.06
N GLY A 503 31.06 9.59 -35.87
CA GLY A 503 30.01 9.80 -34.90
C GLY A 503 29.58 8.49 -34.31
N GLY A 504 30.46 7.87 -33.54
CA GLY A 504 30.36 6.45 -33.30
C GLY A 504 29.21 6.04 -32.40
N LEU A 505 28.82 4.78 -32.56
CA LEU A 505 27.75 4.13 -31.84
C LEU A 505 26.42 4.83 -31.95
N ALA A 506 25.78 4.68 -33.09
CA ALA A 506 24.37 4.98 -33.19
C ALA A 506 23.56 3.92 -32.48
N VAL A 507 22.82 4.31 -31.46
CA VAL A 507 21.88 3.43 -30.81
C VAL A 507 20.55 3.57 -31.52
N VAL A 508 19.99 2.46 -31.95
CA VAL A 508 18.69 2.43 -32.60
C VAL A 508 17.76 1.66 -31.67
N GLY A 509 17.01 2.36 -30.86
CA GLY A 509 16.04 1.68 -30.05
C GLY A 509 14.84 1.29 -30.88
N THR A 510 14.12 0.27 -30.46
CA THR A 510 12.95 -0.13 -31.20
C THR A 510 11.67 -0.16 -30.40
N GLU A 511 11.69 0.15 -29.11
CA GLU A 511 10.44 0.32 -28.39
C GLU A 511 10.65 1.23 -27.19
N ARG A 512 9.57 1.86 -26.76
CA ARG A 512 9.58 2.56 -25.50
C ARG A 512 9.52 1.56 -24.37
N HIS A 513 10.23 1.84 -23.31
CA HIS A 513 10.24 0.96 -22.18
C HIS A 513 9.24 1.44 -21.15
N GLU A 514 9.27 0.88 -19.97
CA GLU A 514 8.27 1.19 -18.97
C GLU A 514 8.54 2.47 -18.22
N SER A 515 9.62 3.17 -18.52
CA SER A 515 9.86 4.49 -17.96
C SER A 515 10.79 5.23 -18.90
N ARG A 516 10.89 6.53 -18.69
CA ARG A 516 11.87 7.33 -19.41
C ARG A 516 13.27 7.02 -18.96
N ARG A 517 13.43 6.49 -17.75
CA ARG A 517 14.75 6.16 -17.24
C ARG A 517 15.39 5.04 -18.04
N ILE A 518 14.61 4.05 -18.44
CA ILE A 518 15.18 2.88 -19.09
C ILE A 518 15.61 3.20 -20.52
N ASP A 519 14.81 3.95 -21.24
CA ASP A 519 15.28 4.31 -22.57
C ASP A 519 16.29 5.44 -22.54
N ASN A 520 16.33 6.24 -21.47
CA ASN A 520 17.47 7.12 -21.28
C ASN A 520 18.75 6.35 -21.01
N GLN A 521 18.65 5.18 -20.39
CA GLN A 521 19.85 4.36 -20.20
C GLN A 521 20.34 3.78 -21.52
N LEU A 522 19.43 3.45 -22.42
CA LEU A 522 19.85 3.00 -23.75
C LEU A 522 20.56 4.12 -24.54
N ARG A 523 19.99 5.31 -24.50
CA ARG A 523 20.68 6.47 -25.08
C ARG A 523 22.03 6.69 -24.42
N GLY A 524 22.12 6.43 -23.12
CA GLY A 524 23.39 6.51 -22.43
C GLY A 524 24.39 5.48 -22.85
N ARG A 525 23.95 4.37 -23.43
CA ARG A 525 24.92 3.49 -24.09
C ARG A 525 25.53 4.17 -25.27
N SER A 526 24.80 5.05 -25.91
CA SER A 526 25.47 5.73 -27.02
C SER A 526 26.40 6.85 -26.59
N GLY A 527 26.03 7.62 -25.58
CA GLY A 527 26.75 8.87 -25.31
C GLY A 527 28.23 8.86 -24.93
N ARG A 528 28.54 8.38 -23.73
CA ARG A 528 29.86 7.93 -23.28
C ARG A 528 30.92 9.05 -23.29
N GLN A 529 30.71 9.99 -22.38
CA GLN A 529 31.65 11.04 -21.94
C GLN A 529 32.23 11.88 -23.09
N GLY A 530 31.31 12.65 -23.67
CA GLY A 530 31.70 13.67 -24.61
C GLY A 530 31.96 13.18 -26.00
N ASP A 531 31.91 11.88 -26.23
CA ASP A 531 32.01 11.36 -27.58
C ASP A 531 30.71 11.64 -28.31
N PRO A 532 30.74 11.72 -29.64
CA PRO A 532 29.50 11.84 -30.40
C PRO A 532 28.70 10.56 -30.39
N GLY A 533 27.44 10.68 -30.80
CA GLY A 533 26.57 9.52 -30.90
C GLY A 533 25.16 9.93 -31.24
N ILE A 534 24.45 9.09 -31.98
CA ILE A 534 23.07 9.34 -32.37
C ILE A 534 22.19 8.32 -31.68
N THR A 535 21.02 8.74 -31.19
CA THR A 535 20.06 7.81 -30.62
C THR A 535 18.70 8.05 -31.24
N GLN A 536 18.30 7.18 -32.14
CA GLN A 536 16.98 7.28 -32.76
C GLN A 536 16.12 6.13 -32.25
N PHE A 537 14.90 6.43 -31.87
CA PHE A 537 13.94 5.40 -31.50
C PHE A 537 12.95 5.23 -32.64
N TYR A 538 12.67 3.98 -32.97
CA TYR A 538 11.68 3.72 -33.98
C TYR A 538 10.53 3.06 -33.25
N LEU A 539 9.44 3.78 -33.07
CA LEU A 539 8.30 3.18 -32.41
C LEU A 539 7.33 2.67 -33.45
N SER A 540 6.21 2.16 -32.97
CA SER A 540 5.13 1.74 -33.83
C SER A 540 3.83 1.98 -33.10
N MET A 541 2.74 1.83 -33.80
CA MET A 541 1.44 2.04 -33.19
C MET A 541 0.80 0.75 -32.76
N GLU A 542 1.34 -0.39 -33.17
CA GLU A 542 0.98 -1.67 -32.60
C GLU A 542 2.11 -2.23 -31.77
N ASP A 543 2.87 -1.35 -31.15
CA ASP A 543 3.80 -1.75 -30.12
C ASP A 543 3.04 -2.16 -28.89
N GLU A 544 3.70 -2.91 -28.01
CA GLU A 544 2.98 -3.48 -26.87
C GLU A 544 2.64 -2.41 -25.85
N LEU A 545 3.43 -1.35 -25.78
CA LEU A 545 3.09 -0.24 -24.89
C LEU A 545 1.83 0.48 -25.35
N MET A 546 1.69 0.69 -26.65
CA MET A 546 0.52 1.37 -27.17
C MET A 546 -0.72 0.49 -27.15
N ARG A 547 -0.56 -0.80 -27.43
CA ARG A 547 -1.69 -1.70 -27.40
C ARG A 547 -2.17 -1.93 -25.99
N ARG A 548 -1.28 -1.96 -25.02
CA ARG A 548 -1.72 -2.23 -23.68
C ARG A 548 -2.16 -0.98 -22.94
N PHE A 549 -1.45 0.13 -23.08
CA PHE A 549 -1.73 1.28 -22.23
C PHE A 549 -2.13 2.52 -23.01
N GLY A 550 -2.27 2.43 -24.32
CA GLY A 550 -2.75 3.57 -25.08
C GLY A 550 -4.23 3.78 -24.83
N ALA A 551 -4.62 5.05 -24.77
CA ALA A 551 -6.01 5.40 -24.55
C ALA A 551 -6.81 5.12 -25.81
N GLU A 552 -8.07 4.71 -25.62
CA GLU A 552 -8.85 4.17 -26.71
C GLU A 552 -9.35 5.23 -27.69
N ARG A 553 -9.19 6.52 -27.36
CA ARG A 553 -9.50 7.56 -28.32
C ARG A 553 -8.52 7.53 -29.49
N THR A 554 -7.22 7.67 -29.19
CA THR A 554 -6.21 7.78 -30.24
C THR A 554 -6.03 6.46 -30.98
N MET A 555 -6.41 5.34 -30.37
CA MET A 555 -6.34 4.05 -31.04
C MET A 555 -7.43 3.83 -32.10
N ALA A 556 -8.14 4.87 -32.53
CA ALA A 556 -9.18 4.75 -33.55
C ALA A 556 -8.76 5.28 -34.93
N MET A 557 -7.88 6.28 -35.01
CA MET A 557 -7.55 6.95 -36.26
C MET A 557 -6.31 6.39 -36.94
N LEU A 558 -5.89 5.17 -36.60
CA LEU A 558 -4.78 4.59 -37.34
C LEU A 558 -5.20 4.12 -38.72
N ASP A 559 -6.51 4.10 -38.99
CA ASP A 559 -6.98 4.07 -40.37
C ASP A 559 -6.95 5.46 -41.00
N ARG A 560 -7.10 6.51 -40.19
CA ARG A 560 -7.06 7.88 -40.73
C ARG A 560 -5.68 8.21 -41.25
N PHE A 561 -4.64 7.67 -40.63
CA PHE A 561 -3.29 7.94 -41.13
C PHE A 561 -2.95 7.18 -42.41
N GLY A 562 -3.79 6.25 -42.85
CA GLY A 562 -3.54 5.51 -44.06
C GLY A 562 -2.82 4.21 -43.78
N MET A 563 -2.70 3.38 -44.83
CA MET A 563 -1.99 2.11 -44.73
C MET A 563 -0.91 2.08 -45.80
N ASP A 564 0.22 2.72 -45.51
CA ASP A 564 1.41 2.58 -46.37
C ASP A 564 2.61 2.07 -45.59
N ASP A 565 3.03 2.79 -44.54
CA ASP A 565 4.27 2.53 -43.78
C ASP A 565 5.49 2.47 -44.69
N SER A 566 5.85 3.63 -45.18
CA SER A 566 7.18 3.80 -45.73
C SER A 566 7.78 5.03 -45.06
N THR A 567 6.91 5.96 -44.67
CA THR A 567 7.26 7.17 -43.98
C THR A 567 6.57 7.20 -42.62
N PRO A 568 7.18 7.80 -41.61
CA PRO A 568 6.56 7.82 -40.29
C PRO A 568 5.35 8.73 -40.23
N ILE A 569 4.52 8.46 -39.22
CA ILE A 569 3.36 9.29 -38.92
C ILE A 569 3.87 10.65 -38.43
N GLN A 570 3.64 11.69 -39.22
CA GLN A 570 4.06 13.04 -38.84
C GLN A 570 2.89 13.80 -38.20
N SER A 571 2.35 13.23 -37.14
CA SER A 571 1.28 13.85 -36.39
C SER A 571 1.83 14.38 -35.08
N LYS A 572 0.97 15.06 -34.34
CA LYS A 572 1.28 15.47 -32.99
C LYS A 572 0.23 14.99 -32.01
N MET A 573 -0.75 14.23 -32.48
CA MET A 573 -1.65 13.55 -31.57
C MET A 573 -1.18 12.15 -31.24
N VAL A 574 -0.39 11.54 -32.12
CA VAL A 574 0.17 10.25 -31.76
C VAL A 574 1.35 10.41 -30.82
N SER A 575 2.09 11.52 -30.89
CA SER A 575 3.20 11.71 -29.97
C SER A 575 2.71 11.94 -28.56
N ARG A 576 1.61 12.68 -28.41
CA ARG A 576 0.96 12.82 -27.12
C ARG A 576 0.44 11.48 -26.62
N ALA A 577 0.00 10.60 -27.52
CA ALA A 577 -0.49 9.29 -27.10
C ALA A 577 0.63 8.40 -26.64
N VAL A 578 1.80 8.47 -27.28
CA VAL A 578 2.95 7.69 -26.87
C VAL A 578 3.42 8.11 -25.49
N GLU A 579 3.55 9.43 -25.29
CA GLU A 579 3.99 9.94 -23.99
C GLU A 579 2.98 9.65 -22.90
N SER A 580 1.68 9.71 -23.21
CA SER A 580 0.70 9.47 -22.17
C SER A 580 0.59 8.00 -21.83
N SER A 581 0.84 7.11 -22.79
CA SER A 581 0.87 5.69 -22.48
C SER A 581 2.05 5.36 -21.57
N GLN A 582 3.20 5.95 -21.83
CA GLN A 582 4.35 5.70 -20.95
C GLN A 582 4.13 6.27 -19.56
N LYS A 583 3.49 7.43 -19.45
CA LYS A 583 3.17 7.95 -18.14
C LYS A 583 2.12 7.13 -17.42
N ARG A 584 1.26 6.44 -18.18
CA ARG A 584 0.30 5.56 -17.55
C ARG A 584 0.97 4.33 -16.95
N VAL A 585 1.97 3.77 -17.66
CA VAL A 585 2.73 2.65 -17.09
C VAL A 585 3.49 3.09 -15.85
N GLU A 586 4.10 4.29 -15.90
CA GLU A 586 4.86 4.77 -14.75
C GLU A 586 3.96 4.99 -13.54
N GLY A 587 2.75 5.49 -13.75
CA GLY A 587 1.83 5.66 -12.64
C GLY A 587 1.34 4.35 -12.05
N ASN A 588 1.10 3.36 -12.92
CA ASN A 588 0.72 2.04 -12.44
C ASN A 588 1.81 1.40 -11.60
N ASN A 589 3.06 1.52 -12.04
CA ASN A 589 4.17 0.95 -11.28
C ASN A 589 4.40 1.69 -9.99
N PHE A 590 4.17 3.01 -9.98
CA PHE A 590 4.24 3.79 -8.76
C PHE A 590 3.27 3.28 -7.71
N ASP A 591 2.01 3.13 -8.09
CA ASP A 591 1.02 2.69 -7.11
C ASP A 591 1.22 1.24 -6.69
N SER A 592 1.68 0.38 -7.62
CA SER A 592 1.93 -1.01 -7.27
C SER A 592 3.07 -1.13 -6.26
N ARG A 593 4.15 -0.38 -6.44
CA ARG A 593 5.23 -0.46 -5.47
C ARG A 593 4.89 0.23 -4.17
N LYS A 594 3.99 1.22 -4.19
CA LYS A 594 3.53 1.82 -2.93
C LYS A 594 2.71 0.84 -2.09
N GLN A 595 1.82 0.09 -2.75
CA GLN A 595 1.01 -0.90 -2.08
C GLN A 595 1.86 -1.99 -1.48
N LEU A 596 2.78 -2.55 -2.27
CA LEU A 596 3.71 -3.57 -1.78
C LEU A 596 4.53 -3.06 -0.60
N LEU A 597 4.87 -1.77 -0.61
CA LEU A 597 5.63 -1.18 0.49
C LEU A 597 4.88 -1.21 1.81
N GLN A 598 3.63 -0.71 1.85
CA GLN A 598 2.99 -0.65 3.17
C GLN A 598 2.54 -2.02 3.69
N TYR A 599 2.16 -2.92 2.80
CA TYR A 599 1.77 -4.22 3.32
C TYR A 599 2.98 -5.07 3.72
N ASP A 600 4.13 -4.88 3.06
CA ASP A 600 5.30 -5.53 3.62
C ASP A 600 5.89 -4.76 4.78
N ASP A 601 5.42 -3.56 5.09
CA ASP A 601 5.80 -2.97 6.38
C ASP A 601 5.18 -3.74 7.52
N VAL A 602 3.94 -4.21 7.34
CA VAL A 602 3.34 -5.10 8.34
C VAL A 602 4.17 -6.37 8.52
N LEU A 603 4.43 -7.07 7.42
CA LEU A 603 5.25 -8.27 7.55
C LEU A 603 6.69 -7.99 7.94
N ARG A 604 7.19 -6.78 7.75
CA ARG A 604 8.53 -6.42 8.16
C ARG A 604 8.65 -6.35 9.67
N GLN A 605 7.66 -5.76 10.34
CA GLN A 605 7.67 -5.75 11.81
C GLN A 605 7.64 -7.15 12.37
N GLN A 606 6.76 -8.00 11.83
CA GLN A 606 6.69 -9.38 12.32
C GLN A 606 7.98 -10.15 12.07
N ARG A 607 8.56 -10.00 10.88
CA ARG A 607 9.77 -10.73 10.53
C ARG A 607 10.96 -10.27 11.33
N GLU A 608 11.04 -8.99 11.67
CA GLU A 608 12.17 -8.52 12.46
C GLU A 608 12.11 -9.06 13.88
N VAL A 609 10.91 -9.14 14.47
CA VAL A 609 10.77 -9.75 15.79
C VAL A 609 11.19 -11.22 15.76
N ILE A 610 10.67 -11.98 14.78
CA ILE A 610 10.92 -13.42 14.72
C ILE A 610 12.39 -13.70 14.44
N TYR A 611 13.02 -12.94 13.57
CA TYR A 611 14.39 -13.23 13.18
C TYR A 611 15.36 -12.84 14.26
N LYS A 612 15.07 -11.77 15.00
CA LYS A 612 15.94 -11.39 16.11
C LYS A 612 15.87 -12.42 17.24
N GLN A 613 14.68 -12.91 17.54
CA GLN A 613 14.60 -13.88 18.62
C GLN A 613 15.08 -15.26 18.22
N ARG A 614 14.95 -15.63 16.95
CA ARG A 614 15.51 -16.88 16.48
C ARG A 614 17.02 -16.83 16.50
N PHE A 615 17.60 -15.68 16.20
CA PHE A 615 19.05 -15.55 16.27
C PHE A 615 19.54 -15.63 17.69
N GLU A 616 18.85 -15.01 18.63
CA GLU A 616 19.33 -15.16 20.00
C GLU A 616 18.91 -16.46 20.65
N VAL A 617 18.10 -17.28 19.99
CA VAL A 617 18.06 -18.70 20.35
C VAL A 617 19.33 -19.38 19.90
N ILE A 618 19.83 -19.03 18.72
CA ILE A 618 20.99 -19.72 18.15
C ILE A 618 22.25 -19.45 18.94
N ASP A 619 22.59 -18.18 19.19
CA ASP A 619 23.78 -17.91 20.01
C ASP A 619 23.38 -17.61 21.45
N SER A 620 22.85 -18.62 22.09
CA SER A 620 22.65 -18.59 23.53
C SER A 620 23.22 -19.89 24.05
N GLU A 621 24.21 -19.79 24.92
CA GLU A 621 24.86 -20.98 25.44
C GLU A 621 24.12 -21.60 26.61
N ASN A 622 22.99 -21.04 27.01
CA ASN A 622 22.08 -21.75 27.90
C ASN A 622 20.66 -21.36 27.55
N LEU A 623 19.82 -22.34 27.32
CA LEU A 623 18.45 -22.10 26.88
C LEU A 623 17.45 -22.40 27.97
N ARG A 624 17.88 -22.55 29.21
CA ARG A 624 16.97 -22.96 30.27
C ARG A 624 15.96 -21.88 30.59
N GLU A 625 16.39 -20.63 30.58
CA GLU A 625 15.47 -19.55 30.90
C GLU A 625 14.48 -19.30 29.79
N ILE A 626 14.92 -19.41 28.54
CA ILE A 626 14.05 -19.21 27.39
C ILE A 626 12.97 -20.29 27.35
N VAL A 627 13.37 -21.54 27.51
CA VAL A 627 12.42 -22.65 27.47
C VAL A 627 11.49 -22.60 28.68
N GLU A 628 12.00 -22.18 29.84
CA GLU A 628 11.13 -22.11 31.00
C GLU A 628 10.12 -20.97 30.90
N ASN A 629 10.50 -19.84 30.31
CA ASN A 629 9.51 -18.80 30.07
C ASN A 629 8.49 -19.24 29.02
N MET A 630 8.89 -20.05 28.06
CA MET A 630 7.93 -20.59 27.10
C MET A 630 6.94 -21.52 27.77
N ILE A 631 7.43 -22.39 28.65
CA ILE A 631 6.55 -23.32 29.37
C ILE A 631 5.64 -22.57 30.31
N LYS A 632 6.13 -21.50 30.93
CA LYS A 632 5.29 -20.74 31.84
C LYS A 632 4.23 -19.95 31.10
N SER A 633 4.55 -19.40 29.92
CA SER A 633 3.52 -18.68 29.17
C SER A 633 2.47 -19.64 28.63
N SER A 634 2.89 -20.79 28.12
CA SER A 634 1.95 -21.81 27.69
C SER A 634 1.09 -22.31 28.84
N LEU A 635 1.67 -22.39 30.03
CA LEU A 635 0.93 -22.86 31.19
C LEU A 635 -0.05 -21.81 31.70
N GLU A 636 0.32 -20.53 31.67
CA GLU A 636 -0.62 -19.48 32.04
C GLU A 636 -1.81 -19.46 31.10
N ARG A 637 -1.58 -19.62 29.80
CA ARG A 637 -2.70 -19.68 28.88
C ARG A 637 -3.51 -20.96 29.05
N ALA A 638 -2.88 -22.04 29.49
CA ALA A 638 -3.64 -23.27 29.71
C ALA A 638 -4.46 -23.18 30.99
N ILE A 639 -3.95 -22.46 31.98
CA ILE A 639 -4.71 -22.22 33.20
C ILE A 639 -5.90 -21.33 32.88
N ALA A 640 -5.65 -20.21 32.22
CA ALA A 640 -6.72 -19.28 31.88
C ALA A 640 -7.64 -19.77 30.77
N ALA A 641 -7.33 -20.88 30.10
CA ALA A 641 -8.26 -21.45 29.14
C ALA A 641 -9.39 -22.17 29.85
N TYR A 642 -9.05 -22.96 30.87
CA TYR A 642 -10.00 -23.31 31.92
C TYR A 642 -10.08 -22.13 32.87
N THR A 643 -10.61 -22.32 34.08
CA THR A 643 -10.57 -21.33 35.15
C THR A 643 -10.96 -19.88 34.78
N PRO A 644 -12.06 -19.63 34.06
CA PRO A 644 -12.30 -18.26 33.58
C PRO A 644 -12.78 -17.36 34.69
N ARG A 645 -12.77 -16.06 34.39
CA ARG A 645 -13.11 -15.01 35.35
C ARG A 645 -14.58 -14.99 35.72
N GLU A 646 -15.43 -15.67 34.97
CA GLU A 646 -16.87 -15.55 35.14
C GLU A 646 -17.39 -16.52 36.19
N GLU A 647 -17.16 -17.81 35.98
CA GLU A 647 -17.75 -18.84 36.81
C GLU A 647 -16.78 -19.26 37.90
N LEU A 648 -16.69 -18.42 38.93
CA LEU A 648 -15.67 -18.67 39.97
C LEU A 648 -15.94 -19.92 40.81
N PRO A 649 -17.08 -20.09 41.52
CA PRO A 649 -17.10 -21.21 42.46
C PRO A 649 -17.39 -22.55 41.80
N GLU A 650 -16.32 -23.31 41.54
CA GLU A 650 -16.35 -24.73 41.20
C GLU A 650 -17.22 -25.07 40.00
N GLU A 651 -17.27 -24.19 39.01
CA GLU A 651 -17.78 -24.57 37.70
C GLU A 651 -16.61 -24.54 36.74
N TRP A 652 -15.47 -25.05 37.20
CA TRP A 652 -14.19 -24.80 36.56
C TRP A 652 -13.61 -26.01 35.86
N LYS A 653 -14.28 -27.17 35.94
CA LYS A 653 -13.96 -28.38 35.16
C LYS A 653 -12.52 -28.84 35.36
N LEU A 654 -12.04 -28.73 36.59
CA LEU A 654 -10.61 -28.81 36.86
C LEU A 654 -10.02 -30.19 36.63
N ASP A 655 -10.82 -31.23 36.47
CA ASP A 655 -10.24 -32.50 36.06
C ASP A 655 -9.84 -32.47 34.60
N GLY A 656 -10.51 -31.66 33.78
CA GLY A 656 -10.05 -31.44 32.42
C GLY A 656 -8.71 -30.73 32.38
N LEU A 657 -8.50 -29.79 33.29
CA LEU A 657 -7.22 -29.13 33.41
C LEU A 657 -6.14 -30.07 33.92
N VAL A 658 -6.49 -30.96 34.86
CA VAL A 658 -5.55 -31.95 35.34
C VAL A 658 -5.15 -32.92 34.22
N ASP A 659 -6.12 -33.29 33.39
CA ASP A 659 -5.83 -34.15 32.25
C ASP A 659 -4.95 -33.44 31.23
N LEU A 660 -5.16 -32.14 31.06
CA LEU A 660 -4.33 -31.37 30.14
C LEU A 660 -2.90 -31.25 30.65
N ILE A 661 -2.73 -31.03 31.95
CA ILE A 661 -1.38 -30.93 32.51
C ILE A 661 -0.67 -32.27 32.43
N ASN A 662 -1.39 -33.35 32.66
CA ASN A 662 -0.76 -34.66 32.58
C ASN A 662 -0.52 -35.11 31.15
N THR A 663 -1.19 -34.52 30.17
CA THR A 663 -0.91 -34.83 28.78
C THR A 663 0.10 -33.87 28.15
N THR A 664 0.36 -32.73 28.74
CA THR A 664 1.25 -31.76 28.13
C THR A 664 2.51 -31.46 28.93
N TYR A 665 2.45 -31.47 30.25
CA TYR A 665 3.59 -30.99 31.02
C TYR A 665 4.16 -31.98 32.02
N LEU A 666 3.36 -32.85 32.62
CA LEU A 666 3.76 -33.45 33.88
C LEU A 666 3.52 -34.95 33.91
N ASP A 667 3.89 -35.65 32.85
CA ASP A 667 4.06 -37.12 32.74
C ASP A 667 2.97 -37.96 33.44
N GLU A 668 1.73 -37.74 33.01
CA GLU A 668 0.65 -38.74 33.00
C GLU A 668 0.07 -39.10 34.37
N GLY A 669 0.75 -38.79 35.46
CA GLY A 669 0.20 -39.13 36.75
C GLY A 669 0.44 -38.12 37.84
N ALA A 670 1.21 -37.09 37.55
CA ALA A 670 1.78 -36.29 38.63
C ALA A 670 0.83 -35.23 39.16
N LEU A 671 -0.37 -35.12 38.63
CA LEU A 671 -1.32 -34.15 39.13
C LEU A 671 -2.67 -34.82 39.31
N GLU A 672 -3.32 -34.51 40.43
CA GLU A 672 -4.69 -34.92 40.67
C GLU A 672 -5.52 -33.67 40.92
N LYS A 673 -6.83 -33.87 41.09
CA LYS A 673 -7.70 -32.73 41.36
C LYS A 673 -7.43 -32.12 42.72
N SER A 674 -6.95 -32.93 43.67
CA SER A 674 -6.78 -32.48 45.04
C SER A 674 -5.65 -31.47 45.18
N ASP A 675 -4.68 -31.50 44.27
CA ASP A 675 -3.55 -30.57 44.39
C ASP A 675 -3.96 -29.17 44.01
N ILE A 676 -4.95 -29.02 43.13
CA ILE A 676 -5.36 -27.71 42.65
C ILE A 676 -6.81 -27.41 42.97
N PHE A 677 -7.42 -28.14 43.90
CA PHE A 677 -8.83 -27.90 44.21
C PHE A 677 -9.00 -26.61 44.98
N GLY A 678 -9.92 -25.77 44.50
CA GLY A 678 -10.25 -24.53 45.19
C GLY A 678 -9.15 -23.51 45.28
N LYS A 679 -8.18 -23.56 44.37
CA LYS A 679 -7.02 -22.68 44.46
C LYS A 679 -7.22 -21.45 43.60
N GLU A 680 -6.48 -20.40 43.94
CA GLU A 680 -6.38 -19.25 43.06
C GLU A 680 -5.59 -19.65 41.81
N PRO A 681 -5.90 -19.04 40.66
CA PRO A 681 -5.14 -19.36 39.43
C PRO A 681 -3.64 -19.15 39.54
N ASP A 682 -3.19 -18.17 40.27
CA ASP A 682 -1.74 -17.97 40.36
C ASP A 682 -1.09 -18.93 41.33
N GLU A 683 -1.79 -19.40 42.35
CA GLU A 683 -1.14 -20.37 43.24
C GLU A 683 -1.14 -21.77 42.64
N MET A 684 -2.17 -22.13 41.85
CA MET A 684 -2.06 -23.40 41.14
C MET A 684 -1.07 -23.29 40.00
N LEU A 685 -0.92 -22.10 39.41
CA LEU A 685 0.15 -21.88 38.44
C LEU A 685 1.51 -22.06 39.08
N GLU A 686 1.70 -21.56 40.29
CA GLU A 686 3.00 -21.69 40.94
C GLU A 686 3.26 -23.13 41.38
N LEU A 687 2.22 -23.85 41.78
CA LEU A 687 2.40 -25.26 42.15
C LEU A 687 2.82 -26.09 40.93
N ILE A 688 2.07 -25.96 39.83
CA ILE A 688 2.40 -26.69 38.61
C ILE A 688 3.75 -26.23 38.05
N MET A 689 4.08 -24.96 38.20
CA MET A 689 5.33 -24.44 37.66
C MET A 689 6.53 -24.95 38.43
N ASP A 690 6.44 -25.04 39.76
CA ASP A 690 7.60 -25.59 40.47
C ASP A 690 7.71 -27.10 40.31
N ARG A 691 6.59 -27.80 40.08
CA ARG A 691 6.73 -29.20 39.68
C ARG A 691 7.41 -29.34 38.32
N ILE A 692 7.11 -28.43 37.40
CA ILE A 692 7.76 -28.42 36.10
C ILE A 692 9.25 -28.12 36.24
N ILE A 693 9.61 -27.21 37.15
CA ILE A 693 11.01 -26.85 37.33
C ILE A 693 11.80 -28.03 37.89
N THR A 694 11.24 -28.77 38.84
CA THR A 694 12.03 -29.91 39.34
C THR A 694 12.09 -31.05 38.32
N LYS A 695 11.04 -31.22 37.50
CA LYS A 695 11.13 -32.18 36.41
C LYS A 695 12.18 -31.77 35.38
N TYR A 696 12.28 -30.47 35.10
CA TYR A 696 13.29 -29.97 34.20
C TYR A 696 14.68 -30.16 34.78
N ASN A 697 14.84 -29.99 36.07
CA ASN A 697 16.16 -30.14 36.67
C ASN A 697 16.60 -31.59 36.66
N GLU A 698 15.66 -32.52 36.82
CA GLU A 698 16.00 -33.93 36.68
C GLU A 698 16.35 -34.27 35.23
N LYS A 699 15.67 -33.65 34.27
CA LYS A 699 16.00 -33.87 32.86
C LYS A 699 17.38 -33.32 32.52
N GLU A 700 17.72 -32.15 33.04
CA GLU A 700 19.02 -31.55 32.80
C GLU A 700 20.11 -32.31 33.52
N GLU A 701 19.79 -32.98 34.62
CA GLU A 701 20.77 -33.81 35.30
C GLU A 701 21.07 -35.07 34.51
N GLN A 702 20.03 -35.81 34.13
CA GLN A 702 20.23 -37.10 33.47
C GLN A 702 20.67 -36.94 32.02
N PHE A 703 20.04 -36.02 31.30
CA PHE A 703 20.24 -35.84 29.86
C PHE A 703 21.63 -35.34 29.52
N GLY A 704 22.25 -34.58 30.41
CA GLY A 704 23.47 -33.88 30.12
C GLY A 704 23.27 -32.38 30.23
N LYS A 705 24.36 -31.64 30.08
CA LYS A 705 24.26 -30.20 30.24
C LYS A 705 24.32 -29.46 28.91
N GLU A 706 25.27 -29.79 28.05
CA GLU A 706 25.30 -29.20 26.72
C GLU A 706 24.48 -30.02 25.73
N GLN A 707 24.33 -31.31 25.97
CA GLN A 707 23.45 -32.13 25.16
C GLN A 707 22.00 -31.70 25.32
N MET A 708 21.62 -31.29 26.52
CA MET A 708 20.28 -30.75 26.74
C MET A 708 20.08 -29.45 25.99
N ARG A 709 21.13 -28.64 25.88
CA ARG A 709 21.02 -27.41 25.10
C ARG A 709 20.89 -27.69 23.62
N GLU A 710 21.60 -28.70 23.11
CA GLU A 710 21.44 -29.07 21.72
C GLU A 710 20.05 -29.60 21.43
N PHE A 711 19.52 -30.40 22.35
CA PHE A 711 18.19 -30.97 22.22
C PHE A 711 17.12 -29.89 22.15
N GLU A 712 17.11 -28.99 23.12
CA GLU A 712 16.06 -27.99 23.08
C GLU A 712 16.32 -26.88 22.08
N LYS A 713 17.55 -26.72 21.60
CA LYS A 713 17.75 -25.80 20.49
C LYS A 713 17.14 -26.33 19.21
N VAL A 714 17.28 -27.63 18.98
CA VAL A 714 16.64 -28.25 17.82
C VAL A 714 15.13 -28.15 17.93
N ILE A 715 14.57 -28.36 19.12
CA ILE A 715 13.13 -28.25 19.34
C ILE A 715 12.62 -26.84 19.04
N VAL A 716 13.30 -25.83 19.61
CA VAL A 716 12.85 -24.46 19.48
C VAL A 716 12.98 -23.98 18.04
N LEU A 717 14.09 -24.30 17.37
CA LEU A 717 14.28 -23.80 16.01
C LEU A 717 13.34 -24.47 15.03
N ARG A 718 13.05 -25.75 15.24
CA ARG A 718 12.10 -26.45 14.38
C ARG A 718 10.70 -25.89 14.54
N ALA A 719 10.30 -25.58 15.78
CA ALA A 719 8.99 -24.99 16.00
C ALA A 719 8.88 -23.61 15.40
N VAL A 720 9.90 -22.77 15.59
CA VAL A 720 9.90 -21.41 15.05
C VAL A 720 9.82 -21.43 13.54
N ASP A 721 10.59 -22.31 12.91
CA ASP A 721 10.62 -22.38 11.45
C ASP A 721 9.30 -22.85 10.88
N SER A 722 8.70 -23.89 11.44
CA SER A 722 7.47 -24.42 10.87
C SER A 722 6.29 -23.48 11.06
N LYS A 723 6.17 -22.89 12.26
CA LYS A 723 5.07 -21.95 12.45
C LYS A 723 5.28 -20.67 11.67
N TRP A 724 6.53 -20.26 11.43
CA TRP A 724 6.74 -19.05 10.67
C TRP A 724 6.48 -19.25 9.19
N MET A 725 6.75 -20.44 8.64
CA MET A 725 6.36 -20.71 7.26
C MET A 725 4.86 -20.73 7.10
N ASP A 726 4.15 -21.35 8.03
CA ASP A 726 2.69 -21.29 7.99
C ASP A 726 2.17 -19.88 8.12
N HIS A 727 2.86 -19.03 8.88
CA HIS A 727 2.41 -17.68 9.04
C HIS A 727 2.62 -16.87 7.77
N ILE A 728 3.72 -17.11 7.06
CA ILE A 728 3.94 -16.45 5.77
C ILE A 728 2.84 -16.81 4.78
N ASP A 729 2.43 -18.08 4.78
CA ASP A 729 1.34 -18.52 3.90
C ASP A 729 0.02 -17.85 4.28
N ALA A 730 -0.33 -17.86 5.56
CA ALA A 730 -1.60 -17.28 6.00
C ALA A 730 -1.64 -15.77 5.80
N MET A 731 -0.50 -15.13 5.94
CA MET A 731 -0.40 -13.71 5.70
C MET A 731 -0.58 -13.38 4.22
N ASP A 732 -0.10 -14.26 3.33
CA ASP A 732 -0.33 -14.08 1.89
C ASP A 732 -1.80 -14.21 1.53
N GLN A 733 -2.48 -15.17 2.12
CA GLN A 733 -3.90 -15.35 1.86
C GLN A 733 -4.73 -14.17 2.35
N LEU A 734 -4.38 -13.61 3.50
CA LEU A 734 -5.03 -12.41 3.99
C LEU A 734 -4.84 -11.24 3.04
N ARG A 735 -3.62 -11.07 2.53
CA ARG A 735 -3.38 -9.99 1.58
C ARG A 735 -4.09 -10.20 0.25
N GLN A 736 -4.45 -11.43 -0.09
CA GLN A 736 -5.35 -11.62 -1.21
C GLN A 736 -6.71 -11.00 -0.95
N GLY A 737 -7.33 -11.31 0.18
CA GLY A 737 -8.69 -10.78 0.33
C GLY A 737 -8.90 -9.37 0.85
N ILE A 738 -7.83 -8.62 1.10
CA ILE A 738 -8.03 -7.38 1.85
C ILE A 738 -8.68 -6.21 1.07
N HIS A 739 -8.63 -6.13 -0.25
CA HIS A 739 -9.36 -5.05 -0.92
C HIS A 739 -10.86 -5.29 -0.92
N LEU A 740 -11.24 -6.55 -0.92
CA LEU A 740 -12.63 -6.89 -0.69
C LEU A 740 -13.07 -6.42 0.67
N ARG A 741 -12.17 -6.43 1.65
CA ARG A 741 -12.52 -5.76 2.91
C ARG A 741 -12.73 -4.27 2.74
N ALA A 742 -12.07 -3.65 1.77
CA ALA A 742 -12.36 -2.21 1.55
C ALA A 742 -13.74 -1.95 1.01
N TYR A 743 -14.41 -2.97 0.52
CA TYR A 743 -15.83 -2.77 0.13
C TYR A 743 -16.77 -2.41 1.27
N ALA A 744 -16.42 -2.62 2.53
CA ALA A 744 -17.31 -2.30 3.65
C ALA A 744 -16.97 -1.00 4.30
N GLN A 745 -16.39 -0.07 3.55
CA GLN A 745 -16.10 1.30 3.94
C GLN A 745 -15.13 1.39 5.11
N THR A 746 -14.37 0.34 5.36
CA THR A 746 -13.23 0.42 6.26
C THR A 746 -11.99 0.76 5.47
N ASN A 747 -10.96 1.14 6.18
CA ASN A 747 -9.64 1.14 5.56
C ASN A 747 -9.12 -0.27 5.58
N PRO A 748 -8.80 -0.86 4.42
CA PRO A 748 -8.33 -2.23 4.41
C PRO A 748 -6.93 -2.42 4.92
N LEU A 749 -6.09 -1.39 4.95
CA LEU A 749 -4.77 -1.52 5.52
C LEU A 749 -4.83 -1.66 7.02
N ARG A 750 -5.74 -0.95 7.67
CA ARG A 750 -5.92 -1.10 9.11
C ARG A 750 -6.47 -2.48 9.45
N GLU A 751 -7.32 -3.03 8.59
CA GLU A 751 -7.80 -4.39 8.80
C GLU A 751 -6.69 -5.40 8.61
N TYR A 752 -5.79 -5.15 7.65
CA TYR A 752 -4.64 -6.01 7.46
C TYR A 752 -3.71 -5.98 8.66
N GLN A 753 -3.47 -4.79 9.21
CA GLN A 753 -2.61 -4.66 10.37
C GLN A 753 -3.19 -5.34 11.60
N MET A 754 -4.49 -5.19 11.82
CA MET A 754 -5.10 -5.78 13.01
C MET A 754 -5.20 -7.30 12.89
N GLU A 755 -5.61 -7.81 11.74
CA GLU A 755 -5.68 -9.25 11.59
C GLU A 755 -4.31 -9.88 11.50
N GLY A 756 -3.32 -9.14 11.03
CA GLY A 756 -1.97 -9.66 11.05
C GLY A 756 -1.38 -9.71 12.43
N PHE A 757 -1.72 -8.75 13.29
CA PHE A 757 -1.29 -8.82 14.67
C PHE A 757 -1.93 -9.99 15.39
N ALA A 758 -3.22 -10.21 15.18
CA ALA A 758 -3.89 -11.33 15.83
C ALA A 758 -3.33 -12.66 15.36
N MET A 759 -3.05 -12.76 14.07
CA MET A 759 -2.47 -13.97 13.49
C MET A 759 -1.06 -14.22 14.01
N PHE A 760 -0.25 -13.18 14.13
CA PHE A 760 1.10 -13.31 14.65
C PHE A 760 1.11 -13.76 16.10
N GLU A 761 0.22 -13.21 16.92
CA GLU A 761 0.22 -13.59 18.31
C GLU A 761 -0.31 -14.99 18.51
N HIS A 762 -1.24 -15.45 17.68
CA HIS A 762 -1.62 -16.85 17.76
C HIS A 762 -0.50 -17.77 17.31
N MET A 763 0.30 -17.33 16.34
CA MET A 763 1.46 -18.10 15.90
C MET A 763 2.47 -18.26 17.02
N ILE A 764 2.69 -17.20 17.79
CA ILE A 764 3.66 -17.29 18.87
C ILE A 764 3.14 -18.11 20.03
N GLU A 765 1.85 -18.07 20.30
CA GLU A 765 1.26 -18.99 21.25
C GLU A 765 1.43 -20.44 20.80
N SER A 766 1.34 -20.70 19.49
CA SER A 766 1.56 -22.07 19.02
C SER A 766 3.01 -22.49 19.12
N ILE A 767 3.94 -21.56 18.92
CA ILE A 767 5.37 -21.86 19.11
C ILE A 767 5.64 -22.26 20.54
N GLU A 768 5.11 -21.49 21.48
CA GLU A 768 5.31 -21.78 22.90
C GLU A 768 4.65 -23.09 23.31
N ASP A 769 3.46 -23.37 22.79
CA ASP A 769 2.80 -24.63 23.11
C ASP A 769 3.57 -25.82 22.58
N GLU A 770 4.09 -25.72 21.36
CA GLU A 770 4.83 -26.82 20.76
C GLU A 770 6.15 -27.05 21.48
N VAL A 771 6.86 -25.99 21.83
CA VAL A 771 8.13 -26.13 22.53
C VAL A 771 7.92 -26.69 23.93
N ALA A 772 6.87 -26.24 24.62
CA ALA A 772 6.56 -26.77 25.94
C ALA A 772 6.22 -28.24 25.90
N LYS A 773 5.40 -28.65 24.94
CA LYS A 773 5.01 -30.05 24.84
C LYS A 773 6.17 -30.94 24.44
N PHE A 774 6.97 -30.51 23.48
CA PHE A 774 8.04 -31.35 23.00
C PHE A 774 9.21 -31.40 23.95
N VAL A 775 9.38 -30.40 24.81
CA VAL A 775 10.46 -30.46 25.78
C VAL A 775 10.04 -31.24 27.01
N MET A 776 8.83 -30.98 27.52
CA MET A 776 8.43 -31.62 28.76
C MET A 776 8.02 -33.07 28.58
N LYS A 777 7.50 -33.45 27.42
CA LYS A 777 7.05 -34.81 27.21
C LYS A 777 8.06 -35.67 26.47
N ALA A 778 9.28 -35.19 26.27
CA ALA A 778 10.28 -36.02 25.66
C ALA A 778 11.16 -36.62 26.70
N PHE B 2 -12.37 5.10 32.94
CA PHE B 2 -12.09 3.78 32.39
C PHE B 2 -10.59 3.58 32.15
N ARG B 3 -10.19 2.31 32.05
CA ARG B 3 -8.79 1.98 31.87
C ARG B 3 -8.27 2.36 30.49
N THR B 4 -9.11 2.23 29.46
CA THR B 4 -8.63 2.39 28.08
C THR B 4 -8.29 3.84 27.76
N ILE B 5 -9.05 4.80 28.32
CA ILE B 5 -8.70 6.19 28.13
C ILE B 5 -7.45 6.57 28.93
N SER B 6 -7.07 5.77 29.93
CA SER B 6 -5.77 5.97 30.57
C SER B 6 -4.67 5.27 29.82
N ASN B 7 -5.00 4.24 29.04
CA ASN B 7 -4.03 3.60 28.18
C ASN B 7 -3.71 4.46 26.97
N PHE B 8 -4.67 5.25 26.51
CA PHE B 8 -4.44 6.15 25.39
C PHE B 8 -3.46 7.25 25.76
N MET B 9 -3.64 7.86 26.92
CA MET B 9 -2.80 8.97 27.33
C MET B 9 -1.44 8.52 27.84
N ARG B 10 -1.20 7.21 27.93
CA ARG B 10 0.13 6.71 28.24
C ARG B 10 0.99 6.55 26.99
N VAL B 11 0.37 6.20 25.86
CA VAL B 11 1.09 6.27 24.58
C VAL B 11 1.23 7.74 24.20
N SER B 12 2.42 8.13 23.76
CA SER B 12 2.65 9.54 23.49
C SER B 12 2.05 9.98 22.18
N ASP B 13 2.01 9.11 21.17
CA ASP B 13 1.52 9.52 19.86
C ASP B 13 0.00 9.70 19.87
N ILE B 14 -0.71 8.77 20.50
CA ILE B 14 -2.16 8.84 20.62
C ILE B 14 -2.56 10.05 21.43
N ARG B 15 -1.87 10.31 22.54
CA ARG B 15 -2.15 11.49 23.36
C ARG B 15 -1.80 12.76 22.62
N ASN B 16 -0.76 12.74 21.79
CA ASN B 16 -0.39 13.89 20.97
C ASN B 16 -1.49 14.25 19.99
N LYS B 17 -2.05 13.26 19.29
CA LYS B 17 -3.08 13.63 18.33
C LYS B 17 -4.45 13.84 18.97
N ILE B 18 -4.72 13.28 20.14
CA ILE B 18 -5.92 13.65 20.88
C ILE B 18 -5.86 15.12 21.28
N ILE B 19 -4.70 15.56 21.77
CA ILE B 19 -4.57 16.94 22.21
C ILE B 19 -4.59 17.89 21.03
N PHE B 20 -4.04 17.47 19.89
CA PHE B 20 -4.12 18.29 18.68
C PHE B 20 -5.55 18.41 18.19
N THR B 21 -6.33 17.33 18.27
CA THR B 21 -7.73 17.37 17.86
C THR B 21 -8.54 18.30 18.77
N LEU B 22 -8.31 18.23 20.08
CA LEU B 22 -9.01 19.14 20.99
C LEU B 22 -8.61 20.60 20.76
N LEU B 23 -7.37 20.85 20.38
CA LEU B 23 -6.98 22.22 20.09
C LEU B 23 -7.62 22.73 18.80
N MET B 24 -7.75 21.86 17.80
CA MET B 24 -8.45 22.28 16.59
C MET B 24 -9.95 22.48 16.83
N LEU B 25 -10.55 21.74 17.75
CA LEU B 25 -11.95 21.99 18.05
C LEU B 25 -12.14 23.28 18.83
N ILE B 26 -11.16 23.63 19.67
CA ILE B 26 -11.20 24.94 20.32
C ILE B 26 -11.07 26.05 19.30
N VAL B 27 -10.23 25.85 18.29
CA VAL B 27 -10.09 26.83 17.19
C VAL B 27 -11.41 27.01 16.44
N PHE B 28 -12.08 25.89 16.15
CA PHE B 28 -13.37 25.93 15.49
C PHE B 28 -14.41 26.69 16.31
N ARG B 29 -14.43 26.47 17.62
CA ARG B 29 -15.40 27.16 18.46
C ARG B 29 -15.09 28.65 18.60
N ILE B 30 -13.80 28.98 18.69
CA ILE B 30 -13.34 30.37 18.75
C ILE B 30 -13.80 31.11 17.50
N GLY B 31 -13.66 30.48 16.34
CA GLY B 31 -14.12 31.12 15.13
C GLY B 31 -15.62 31.22 15.03
N THR B 32 -16.33 30.28 15.65
CA THR B 32 -17.79 30.34 15.70
C THR B 32 -18.28 31.47 16.61
N PHE B 33 -17.40 32.06 17.42
CA PHE B 33 -17.80 33.28 18.12
C PHE B 33 -17.57 34.57 17.35
N ILE B 34 -16.91 34.54 16.19
CA ILE B 34 -16.47 35.74 15.50
C ILE B 34 -17.55 36.15 14.51
N PRO B 35 -18.06 37.38 14.56
CA PRO B 35 -19.16 37.77 13.67
C PRO B 35 -18.68 38.03 12.24
N VAL B 36 -19.65 38.21 11.36
CA VAL B 36 -19.45 38.50 9.94
C VAL B 36 -19.27 40.01 9.87
N PRO B 37 -18.63 40.58 8.81
CA PRO B 37 -18.42 42.03 8.73
C PRO B 37 -19.58 42.99 8.97
N SER B 38 -20.64 42.93 8.19
CA SER B 38 -21.61 44.01 8.19
C SER B 38 -22.99 43.50 8.53
N VAL B 39 -23.11 42.69 9.57
CA VAL B 39 -24.33 41.93 9.81
C VAL B 39 -25.10 42.38 11.01
N ASN B 40 -24.59 43.34 11.79
CA ASN B 40 -25.38 44.14 12.71
C ASN B 40 -26.06 43.28 13.79
N THR B 41 -25.23 42.76 14.69
CA THR B 41 -25.58 41.55 15.45
C THR B 41 -26.77 41.68 16.38
N ASP B 42 -27.22 42.90 16.70
CA ASP B 42 -28.30 43.01 17.68
C ASP B 42 -29.64 42.62 17.11
N VAL B 43 -29.89 42.92 15.83
CA VAL B 43 -31.17 42.51 15.26
C VAL B 43 -31.18 41.01 15.06
N LEU B 44 -30.00 40.44 14.81
CA LEU B 44 -29.84 38.99 14.74
C LEU B 44 -30.20 38.35 16.07
N LYS B 45 -29.61 38.82 17.16
CA LYS B 45 -29.94 38.26 18.47
C LYS B 45 -31.36 38.59 18.92
N LEU B 46 -31.97 39.62 18.37
CA LEU B 46 -33.37 39.88 18.66
C LEU B 46 -34.32 39.02 17.85
N GLN B 47 -33.84 38.36 16.80
CA GLN B 47 -34.76 37.60 15.95
C GLN B 47 -35.21 36.27 16.55
N ASP B 48 -34.59 35.77 17.61
CA ASP B 48 -34.88 34.39 17.99
C ASP B 48 -36.14 34.27 18.84
N GLN B 49 -36.66 33.05 18.89
CA GLN B 49 -37.85 32.73 19.65
C GLN B 49 -37.55 32.16 21.02
N LEU B 50 -36.27 31.96 21.34
CA LEU B 50 -35.85 31.47 22.63
C LEU B 50 -34.64 32.28 23.06
N ASN B 51 -33.92 31.80 24.06
CA ASN B 51 -32.72 32.49 24.54
C ASN B 51 -31.58 31.49 24.41
N ALA B 52 -30.76 31.67 23.38
CA ALA B 52 -29.57 30.85 23.19
C ALA B 52 -28.41 31.48 23.94
N PHE B 53 -27.23 30.87 23.80
CA PHE B 53 -26.03 31.39 24.42
C PHE B 53 -25.14 32.02 23.35
N GLY B 54 -24.63 33.21 23.64
CA GLY B 54 -23.90 33.98 22.67
C GLY B 54 -24.78 35.03 22.03
N VAL B 55 -24.20 35.78 21.11
CA VAL B 55 -24.97 36.73 20.32
C VAL B 55 -25.17 36.25 18.90
N LEU B 56 -24.35 35.33 18.41
CA LEU B 56 -24.50 34.84 17.06
C LEU B 56 -25.34 33.58 17.00
N ASN B 57 -25.74 33.04 18.13
CA ASN B 57 -26.56 31.84 18.19
C ASN B 57 -27.98 32.26 18.44
N ILE B 58 -28.89 31.83 17.57
CA ILE B 58 -30.32 32.11 17.73
C ILE B 58 -31.06 30.79 17.65
N PHE B 59 -32.28 30.79 18.15
CA PHE B 59 -33.15 29.62 18.07
C PHE B 59 -34.26 29.98 17.10
N CYS B 60 -34.03 29.69 15.82
CA CYS B 60 -34.91 30.08 14.74
C CYS B 60 -35.41 28.80 14.09
N GLY B 61 -36.72 28.71 13.91
CA GLY B 61 -37.32 27.55 13.29
C GLY B 61 -37.21 26.28 14.08
N GLY B 62 -37.04 26.38 15.39
CA GLY B 62 -36.76 25.21 16.17
C GLY B 62 -35.36 24.65 15.98
N ALA B 63 -34.45 25.43 15.43
CA ALA B 63 -33.08 24.99 15.26
C ALA B 63 -32.12 26.06 15.75
N LEU B 64 -31.03 25.63 16.36
CA LEU B 64 -30.00 26.57 16.82
C LEU B 64 -29.22 27.01 15.60
N GLN B 65 -29.59 28.18 15.07
CA GLN B 65 -28.91 28.78 13.94
C GLN B 65 -27.75 29.62 14.42
N ASN B 66 -26.79 29.82 13.54
CA ASN B 66 -25.57 30.51 13.88
C ASN B 66 -25.12 31.35 12.70
N PHE B 67 -24.74 32.59 12.96
CA PHE B 67 -24.37 33.53 11.90
C PHE B 67 -23.00 34.13 12.17
N SER B 68 -22.03 33.29 12.43
CA SER B 68 -20.64 33.68 12.52
C SER B 68 -19.98 33.52 11.16
N ILE B 69 -18.65 33.56 11.11
CA ILE B 69 -17.96 33.28 9.86
C ILE B 69 -18.01 31.81 9.50
N PHE B 70 -18.37 30.95 10.44
CA PHE B 70 -18.62 29.54 10.20
C PHE B 70 -20.09 29.23 10.10
N ALA B 71 -20.88 30.15 9.54
CA ALA B 71 -22.32 29.99 9.53
C ALA B 71 -22.75 28.85 8.63
N MET B 72 -21.97 28.57 7.60
CA MET B 72 -22.30 27.45 6.74
C MET B 72 -21.74 26.14 7.25
N GLY B 73 -20.65 26.19 7.99
CA GLY B 73 -20.01 24.95 8.38
C GLY B 73 -19.36 24.33 7.17
N VAL B 74 -19.34 23.01 7.14
CA VAL B 74 -18.86 22.30 5.98
C VAL B 74 -20.02 21.81 5.12
N MET B 75 -21.21 22.39 5.28
CA MET B 75 -22.36 21.99 4.47
C MET B 75 -22.18 22.16 2.96
N PRO B 76 -21.49 23.20 2.43
CA PRO B 76 -21.16 23.17 1.01
C PRO B 76 -20.25 22.04 0.61
N TYR B 77 -19.36 21.58 1.49
CA TYR B 77 -18.52 20.44 1.15
C TYR B 77 -19.33 19.17 1.08
N ILE B 78 -20.32 19.03 1.96
CA ILE B 78 -21.19 17.86 1.95
C ILE B 78 -21.99 17.82 0.67
N THR B 79 -22.61 18.95 0.30
CA THR B 79 -23.46 18.92 -0.88
C THR B 79 -22.64 18.89 -2.16
N ALA B 80 -21.41 19.41 -2.15
CA ALA B 80 -20.54 19.29 -3.30
C ALA B 80 -20.09 17.85 -3.49
N SER B 81 -19.76 17.15 -2.41
CA SER B 81 -19.35 15.76 -2.54
C SER B 81 -20.47 14.86 -2.98
N ILE B 82 -21.69 15.10 -2.50
CA ILE B 82 -22.79 14.23 -2.93
C ILE B 82 -23.19 14.56 -4.37
N ILE B 83 -23.01 15.80 -4.81
CA ILE B 83 -23.31 16.11 -6.20
C ILE B 83 -22.26 15.50 -7.13
N VAL B 84 -20.97 15.61 -6.77
CA VAL B 84 -19.90 15.04 -7.58
C VAL B 84 -20.01 13.52 -7.64
N GLN B 85 -20.40 12.89 -6.54
CA GLN B 85 -20.62 11.45 -6.53
C GLN B 85 -21.81 11.05 -7.39
N LEU B 86 -22.87 11.86 -7.41
CA LEU B 86 -23.98 11.55 -8.32
C LEU B 86 -23.60 11.81 -9.77
N LEU B 87 -22.67 12.71 -10.02
CA LEU B 87 -22.24 12.97 -11.38
C LEU B 87 -21.28 11.93 -11.91
N GLN B 88 -20.58 11.21 -11.03
CA GLN B 88 -19.70 10.13 -11.51
C GLN B 88 -20.46 8.97 -12.13
N MET B 89 -21.74 8.79 -11.79
CA MET B 89 -22.46 7.58 -12.20
C MET B 89 -23.27 7.84 -13.46
N ASP B 90 -22.57 7.76 -14.60
CA ASP B 90 -23.16 7.74 -15.95
C ASP B 90 -23.97 8.99 -16.26
N VAL B 91 -23.45 10.14 -15.87
CA VAL B 91 -24.10 11.41 -16.21
C VAL B 91 -23.10 12.30 -16.90
N VAL B 92 -21.96 12.54 -16.26
CA VAL B 92 -20.87 13.28 -16.86
C VAL B 92 -19.77 12.27 -17.18
N PRO B 93 -19.36 12.13 -18.44
CA PRO B 93 -18.46 11.02 -18.80
C PRO B 93 -17.02 11.27 -18.38
N LYS B 94 -16.64 12.54 -18.32
CA LYS B 94 -15.29 12.91 -17.88
C LYS B 94 -15.06 12.46 -16.44
N PHE B 95 -16.08 12.59 -15.59
CA PHE B 95 -15.97 12.13 -14.22
C PHE B 95 -15.92 10.62 -14.14
N ALA B 96 -16.63 9.94 -15.04
CA ALA B 96 -16.62 8.49 -15.07
C ALA B 96 -15.23 7.96 -15.39
N GLU B 97 -14.58 8.52 -16.42
CA GLU B 97 -13.24 8.04 -16.73
C GLU B 97 -12.22 8.51 -15.71
N TRP B 98 -12.45 9.67 -15.08
CA TRP B 98 -11.57 10.12 -14.00
C TRP B 98 -11.62 9.16 -12.82
N SER B 99 -12.81 8.67 -12.48
CA SER B 99 -12.93 7.64 -11.45
C SER B 99 -12.32 6.33 -11.91
N LYS B 100 -12.40 6.04 -13.20
CA LYS B 100 -11.83 4.80 -13.72
C LYS B 100 -10.32 4.83 -13.83
N GLN B 101 -9.68 6.00 -13.70
CA GLN B 101 -8.22 6.05 -13.83
C GLN B 101 -7.52 5.40 -12.64
N GLY B 102 -7.80 5.87 -11.43
CA GLY B 102 -7.14 5.31 -10.27
C GLY B 102 -6.89 6.35 -9.21
N GLU B 103 -5.77 6.28 -8.50
CA GLU B 103 -5.50 7.24 -7.44
C GLU B 103 -5.05 8.60 -7.95
N MET B 104 -4.86 8.79 -9.26
CA MET B 104 -4.57 10.12 -9.76
C MET B 104 -5.78 10.79 -10.41
N GLY B 105 -6.67 10.02 -11.04
CA GLY B 105 -7.94 10.60 -11.44
C GLY B 105 -8.85 10.90 -10.28
N ARG B 106 -8.69 10.17 -9.17
CA ARG B 106 -9.34 10.52 -7.93
C ARG B 106 -8.89 11.87 -7.42
N ARG B 107 -7.62 12.22 -7.61
CA ARG B 107 -7.16 13.54 -7.24
C ARG B 107 -7.76 14.62 -8.12
N LYS B 108 -8.07 14.30 -9.37
CA LYS B 108 -8.78 15.24 -10.22
C LYS B 108 -10.20 15.45 -9.73
N LEU B 109 -10.85 14.36 -9.30
CA LEU B 109 -12.20 14.48 -8.74
C LEU B 109 -12.19 15.25 -7.42
N ALA B 110 -11.15 15.07 -6.61
CA ALA B 110 -11.03 15.81 -5.36
C ALA B 110 -10.78 17.28 -5.62
N GLN B 111 -10.00 17.61 -6.65
CA GLN B 111 -9.77 19.00 -7.00
C GLN B 111 -11.04 19.65 -7.50
N PHE B 112 -11.81 18.94 -8.32
CA PHE B 112 -13.08 19.47 -8.79
C PHE B 112 -14.05 19.66 -7.65
N THR B 113 -14.03 18.75 -6.67
CA THR B 113 -14.92 18.88 -5.51
C THR B 113 -14.54 20.09 -4.67
N ARG B 114 -13.25 20.40 -4.57
CA ARG B 114 -12.86 21.60 -3.83
C ARG B 114 -13.26 22.89 -4.54
N TYR B 115 -13.11 22.93 -5.87
CA TYR B 115 -13.51 24.15 -6.58
C TYR B 115 -15.03 24.31 -6.59
N PHE B 116 -15.74 23.19 -6.76
CA PHE B 116 -17.19 23.19 -6.67
C PHE B 116 -17.66 23.55 -5.27
N THR B 117 -16.88 23.20 -4.25
CA THR B 117 -17.19 23.59 -2.88
C THR B 117 -17.13 25.10 -2.73
N ILE B 118 -16.11 25.73 -3.31
CA ILE B 118 -16.01 27.19 -3.22
C ILE B 118 -17.17 27.87 -3.97
N VAL B 119 -17.55 27.33 -5.13
CA VAL B 119 -18.66 27.89 -5.90
C VAL B 119 -19.98 27.75 -5.15
N LEU B 120 -20.26 26.55 -4.62
CA LEU B 120 -21.50 26.31 -3.89
C LEU B 120 -21.52 27.03 -2.56
N GLY B 121 -20.36 27.21 -1.93
CA GLY B 121 -20.31 28.00 -0.72
C GLY B 121 -20.63 29.45 -0.99
N PHE B 122 -20.19 29.97 -2.14
CA PHE B 122 -20.53 31.33 -2.52
C PHE B 122 -22.03 31.48 -2.77
N ILE B 123 -22.62 30.55 -3.51
CA ILE B 123 -24.04 30.65 -3.83
C ILE B 123 -24.88 30.48 -2.56
N GLN B 124 -24.48 29.57 -1.68
CA GLN B 124 -25.21 29.37 -0.44
C GLN B 124 -25.04 30.54 0.51
N ALA B 125 -23.88 31.20 0.51
CA ALA B 125 -23.70 32.35 1.37
C ALA B 125 -24.52 33.53 0.90
N LEU B 126 -24.65 33.68 -0.43
CA LEU B 126 -25.50 34.73 -0.97
C LEU B 126 -26.95 34.50 -0.61
N GLY B 127 -27.44 33.28 -0.85
CA GLY B 127 -28.81 32.96 -0.49
C GLY B 127 -29.08 33.04 1.00
N MET B 128 -28.09 32.67 1.81
CA MET B 128 -28.27 32.68 3.25
C MET B 128 -28.30 34.08 3.80
N SER B 129 -27.39 34.95 3.34
CA SER B 129 -27.38 36.33 3.82
C SER B 129 -28.60 37.09 3.36
N TYR B 130 -29.04 36.86 2.11
CA TYR B 130 -30.26 37.52 1.65
C TYR B 130 -31.49 37.01 2.38
N GLY B 131 -31.57 35.70 2.64
CA GLY B 131 -32.73 35.18 3.33
C GLY B 131 -32.80 35.58 4.78
N PHE B 132 -31.63 35.69 5.43
CA PHE B 132 -31.60 36.16 6.80
C PHE B 132 -31.95 37.63 6.88
N ASN B 133 -31.52 38.42 5.89
CA ASN B 133 -31.89 39.82 5.85
C ASN B 133 -33.37 40.00 5.62
N ASN B 134 -33.99 39.12 4.82
CA ASN B 134 -35.43 39.16 4.68
C ASN B 134 -36.12 38.72 5.96
N LEU B 135 -35.51 37.81 6.71
CA LEU B 135 -36.11 37.35 7.96
C LEU B 135 -36.12 38.44 9.00
N ALA B 136 -35.05 39.22 9.07
CA ALA B 136 -34.99 40.33 10.01
C ALA B 136 -35.82 41.53 9.56
N GLY B 137 -36.30 41.54 8.33
CA GLY B 137 -37.03 42.68 7.83
C GLY B 137 -36.16 43.70 7.12
N GLY B 138 -35.08 43.28 6.48
CA GLY B 138 -34.16 44.19 5.85
C GLY B 138 -33.20 44.86 6.81
N MET B 139 -33.34 44.63 8.11
CA MET B 139 -32.57 45.28 9.14
C MET B 139 -31.28 44.57 9.48
N LEU B 140 -31.08 43.36 8.97
CA LEU B 140 -29.91 42.59 9.36
C LEU B 140 -28.64 43.14 8.73
N ILE B 141 -28.64 43.37 7.43
CA ILE B 141 -27.46 43.90 6.77
C ILE B 141 -27.57 45.41 6.76
N GLN B 142 -26.57 46.08 7.31
CA GLN B 142 -26.44 47.51 7.09
C GLN B 142 -25.76 47.74 5.76
N ASN B 143 -26.14 48.84 5.08
CA ASN B 143 -25.79 49.16 3.71
C ASN B 143 -26.12 48.01 2.77
N PRO B 144 -27.38 47.74 2.48
CA PRO B 144 -27.71 46.56 1.67
C PRO B 144 -27.39 46.71 0.19
N GLY B 145 -26.14 47.01 -0.14
CA GLY B 145 -25.69 47.05 -1.51
C GLY B 145 -25.00 45.77 -1.87
N ILE B 146 -24.83 45.55 -3.17
CA ILE B 146 -24.34 44.26 -3.64
C ILE B 146 -22.86 44.08 -3.30
N GLY B 147 -22.13 45.18 -3.05
CA GLY B 147 -20.76 45.04 -2.57
C GLY B 147 -20.71 44.47 -1.18
N THR B 148 -21.69 44.80 -0.33
CA THR B 148 -21.72 44.25 1.02
C THR B 148 -22.16 42.80 1.01
N TYR B 149 -23.09 42.44 0.12
CA TYR B 149 -23.48 41.05 -0.02
C TYR B 149 -22.32 40.20 -0.53
N LEU B 150 -21.54 40.71 -1.47
CA LEU B 150 -20.39 39.92 -1.93
C LEU B 150 -19.25 39.90 -0.92
N LEU B 151 -19.13 40.94 -0.08
CA LEU B 151 -18.18 40.85 1.03
C LEU B 151 -18.58 39.76 2.02
N ILE B 152 -19.86 39.73 2.37
CA ILE B 152 -20.39 38.73 3.31
C ILE B 152 -20.27 37.34 2.71
N ALA B 153 -20.54 37.20 1.42
CA ALA B 153 -20.47 35.91 0.78
C ALA B 153 -19.04 35.41 0.67
N VAL B 154 -18.09 36.30 0.39
CA VAL B 154 -16.72 35.83 0.31
C VAL B 154 -16.14 35.56 1.69
N VAL B 155 -16.65 36.20 2.74
CA VAL B 155 -16.08 35.87 4.05
C VAL B 155 -16.71 34.59 4.61
N LEU B 156 -17.97 34.29 4.29
CA LEU B 156 -18.52 32.99 4.69
C LEU B 156 -17.89 31.86 3.88
N THR B 157 -17.60 32.08 2.60
CA THR B 157 -16.89 31.07 1.84
C THR B 157 -15.45 30.90 2.31
N ALA B 158 -14.84 31.97 2.80
CA ALA B 158 -13.52 31.85 3.40
C ALA B 158 -13.58 31.07 4.71
N GLY B 159 -14.65 31.25 5.47
CA GLY B 159 -14.81 30.47 6.69
C GLY B 159 -15.01 28.99 6.43
N THR B 160 -15.80 28.65 5.42
CA THR B 160 -16.00 27.24 5.08
C THR B 160 -14.73 26.61 4.51
N ALA B 161 -13.97 27.36 3.70
CA ALA B 161 -12.70 26.83 3.22
C ALA B 161 -11.67 26.72 4.33
N PHE B 162 -11.75 27.58 5.34
CA PHE B 162 -10.88 27.42 6.49
C PHE B 162 -11.26 26.18 7.28
N LEU B 163 -12.56 25.89 7.38
CA LEU B 163 -12.98 24.66 8.06
C LEU B 163 -12.53 23.43 7.31
N MET B 164 -12.50 23.47 5.99
CA MET B 164 -12.00 22.32 5.25
C MET B 164 -10.50 22.17 5.41
N TRP B 165 -9.76 23.28 5.52
CA TRP B 165 -8.34 23.16 5.83
C TRP B 165 -8.14 22.62 7.24
N LEU B 166 -8.98 23.03 8.17
CA LEU B 166 -8.91 22.52 9.53
C LEU B 166 -9.22 21.04 9.57
N GLY B 167 -10.13 20.59 8.71
CA GLY B 167 -10.38 19.17 8.59
C GLY B 167 -9.20 18.41 8.03
N GLU B 168 -8.53 18.98 7.02
CA GLU B 168 -7.32 18.36 6.48
C GLU B 168 -6.23 18.25 7.54
N GLN B 169 -6.12 19.26 8.40
CA GLN B 169 -5.14 19.20 9.48
C GLN B 169 -5.49 18.12 10.48
N ILE B 170 -6.71 18.14 10.98
CA ILE B 170 -7.12 17.18 12.01
C ILE B 170 -7.33 15.78 11.47
N THR B 171 -7.24 15.56 10.16
CA THR B 171 -7.10 14.19 9.70
C THR B 171 -5.65 13.83 9.38
N ALA B 172 -4.78 14.80 9.12
CA ALA B 172 -3.38 14.50 8.89
C ALA B 172 -2.64 14.31 10.20
N LYS B 173 -2.80 15.24 11.13
CA LYS B 173 -2.06 15.25 12.38
C LYS B 173 -2.95 15.04 13.58
N GLY B 174 -4.19 14.62 13.38
CA GLY B 174 -5.13 14.50 14.47
C GLY B 174 -5.72 13.12 14.62
N VAL B 175 -6.87 13.03 15.31
CA VAL B 175 -7.31 11.75 15.83
C VAL B 175 -7.99 10.85 14.80
N GLY B 176 -8.54 11.39 13.72
CA GLY B 176 -9.39 10.56 12.90
C GLY B 176 -9.70 11.17 11.56
N ASN B 177 -10.95 11.09 11.12
CA ASN B 177 -11.37 11.82 9.94
C ASN B 177 -11.56 13.27 10.32
N GLY B 178 -11.42 14.15 9.36
CA GLY B 178 -11.43 15.55 9.70
C GLY B 178 -12.77 16.21 9.65
N ILE B 179 -13.42 16.09 8.51
CA ILE B 179 -14.72 16.70 8.31
C ILE B 179 -15.75 16.07 9.21
N SER B 180 -15.62 14.77 9.50
CA SER B 180 -16.56 14.10 10.38
C SER B 180 -16.41 14.58 11.80
N ILE B 181 -15.19 14.89 12.23
CA ILE B 181 -14.99 15.44 13.57
C ILE B 181 -15.55 16.85 13.65
N ILE B 182 -15.45 17.62 12.57
CA ILE B 182 -16.01 18.97 12.58
C ILE B 182 -17.54 18.94 12.60
N ILE B 183 -18.15 18.00 11.89
CA ILE B 183 -19.60 17.85 11.90
C ILE B 183 -20.10 17.39 13.27
N PHE B 184 -19.40 16.42 13.86
CA PHE B 184 -19.66 15.98 15.22
C PHE B 184 -19.54 17.14 16.20
N ALA B 185 -18.57 18.02 15.98
CA ALA B 185 -18.37 19.14 16.87
C ALA B 185 -19.50 20.15 16.76
N GLY B 186 -20.02 20.36 15.56
CA GLY B 186 -21.17 21.24 15.40
C GLY B 186 -22.39 20.75 16.15
N ILE B 187 -22.68 19.45 16.05
CA ILE B 187 -23.85 18.88 16.73
C ILE B 187 -23.68 18.91 18.25
N VAL B 188 -22.59 18.35 18.75
CA VAL B 188 -22.48 18.27 20.20
C VAL B 188 -22.07 19.57 20.84
N SER B 189 -21.68 20.57 20.06
CA SER B 189 -21.56 21.91 20.62
C SER B 189 -22.91 22.59 20.68
N GLY B 190 -23.85 22.18 19.84
CA GLY B 190 -25.20 22.65 20.05
C GLY B 190 -25.91 22.04 21.24
N ILE B 191 -25.45 20.87 21.71
CA ILE B 191 -26.12 20.19 22.85
C ILE B 191 -26.29 21.02 24.12
N PRO B 192 -25.26 21.72 24.68
CA PRO B 192 -25.45 22.37 25.99
C PRO B 192 -26.49 23.47 26.05
N THR B 193 -26.66 24.26 25.01
CA THR B 193 -27.71 25.28 25.05
C THR B 193 -29.10 24.67 24.93
N ILE B 194 -29.22 23.52 24.27
CA ILE B 194 -30.48 22.79 24.24
C ILE B 194 -30.82 22.26 25.63
N LEU B 195 -29.82 21.76 26.35
CA LEU B 195 -30.05 21.34 27.72
C LEU B 195 -30.39 22.53 28.62
N ASN B 196 -29.81 23.69 28.33
CA ASN B 196 -30.15 24.88 29.10
C ASN B 196 -31.57 25.34 28.82
N GLN B 197 -32.06 25.18 27.59
CA GLN B 197 -33.46 25.50 27.31
C GLN B 197 -34.41 24.53 28.00
N ILE B 198 -34.05 23.25 28.02
CA ILE B 198 -34.91 22.27 28.69
C ILE B 198 -34.92 22.50 30.20
N TYR B 199 -33.78 22.93 30.76
CA TYR B 199 -33.78 23.31 32.18
C TYR B 199 -34.58 24.58 32.42
N ALA B 200 -34.48 25.57 31.52
CA ALA B 200 -35.18 26.82 31.71
C ALA B 200 -36.68 26.69 31.51
N GLN B 201 -37.12 25.63 30.83
CA GLN B 201 -38.54 25.30 30.86
C GLN B 201 -38.96 24.90 32.27
N THR B 202 -38.26 23.93 32.86
CA THR B 202 -38.68 23.38 34.14
C THR B 202 -38.20 24.23 35.30
N LEU B 212 -44.28 15.59 37.82
CA LEU B 212 -44.44 14.76 36.63
C LEU B 212 -43.39 15.12 35.60
N ASN B 213 -42.86 16.35 35.67
CA ASN B 213 -41.89 16.78 34.66
C ASN B 213 -40.53 16.16 34.86
N ILE B 214 -40.10 15.94 36.11
CA ILE B 214 -38.81 15.30 36.35
C ILE B 214 -38.84 13.85 35.89
N VAL B 215 -39.94 13.15 36.14
CA VAL B 215 -40.04 11.78 35.64
C VAL B 215 -40.30 11.77 34.14
N ARG B 216 -40.87 12.85 33.57
CA ARG B 216 -41.01 12.92 32.11
C ARG B 216 -39.66 13.06 31.43
N LEU B 217 -38.78 13.90 31.98
CA LEU B 217 -37.43 14.00 31.42
C LEU B 217 -36.60 12.77 31.72
N LEU B 218 -36.87 12.06 32.81
CA LEU B 218 -36.18 10.80 33.03
C LEU B 218 -36.60 9.75 32.01
N LEU B 219 -37.90 9.72 31.67
CA LEU B 219 -38.37 8.84 30.61
C LEU B 219 -37.78 9.23 29.26
N VAL B 220 -37.60 10.53 29.03
CA VAL B 220 -37.00 10.99 27.78
C VAL B 220 -35.54 10.56 27.70
N ALA B 221 -34.79 10.69 28.79
CA ALA B 221 -33.39 10.30 28.78
C ALA B 221 -33.23 8.79 28.64
N LEU B 222 -34.13 8.01 29.24
CA LEU B 222 -34.07 6.57 29.05
C LEU B 222 -34.43 6.17 27.64
N ALA B 223 -35.38 6.88 27.01
CA ALA B 223 -35.68 6.60 25.61
C ALA B 223 -34.54 7.02 24.69
N VAL B 224 -33.79 8.05 25.06
CA VAL B 224 -32.64 8.46 24.26
C VAL B 224 -31.54 7.42 24.34
N VAL B 225 -31.28 6.87 25.53
CA VAL B 225 -30.29 5.81 25.64
C VAL B 225 -30.75 4.55 24.91
N ALA B 226 -32.06 4.29 24.92
CA ALA B 226 -32.60 3.14 24.18
C ALA B 226 -32.42 3.31 22.68
N VAL B 227 -32.63 4.52 22.18
CA VAL B 227 -32.45 4.75 20.76
C VAL B 227 -30.97 4.78 20.37
N ILE B 228 -30.08 5.19 21.27
CA ILE B 228 -28.65 5.10 21.00
C ILE B 228 -28.21 3.64 20.92
N VAL B 229 -28.78 2.78 21.76
CA VAL B 229 -28.49 1.35 21.69
C VAL B 229 -29.02 0.74 20.39
N GLY B 230 -30.23 1.14 19.97
CA GLY B 230 -30.75 0.66 18.71
C GLY B 230 -29.95 1.13 17.50
N VAL B 231 -29.42 2.35 17.57
CA VAL B 231 -28.63 2.89 16.48
C VAL B 231 -27.30 2.17 16.39
N ILE B 232 -26.66 1.87 17.54
CA ILE B 232 -25.43 1.10 17.55
C ILE B 232 -25.67 -0.30 17.04
N TYR B 233 -26.84 -0.86 17.35
CA TYR B 233 -27.18 -2.21 16.91
C TYR B 233 -27.31 -2.28 15.40
N ILE B 234 -28.03 -1.35 14.79
CA ILE B 234 -28.20 -1.40 13.34
C ILE B 234 -26.92 -0.97 12.64
N GLN B 235 -26.20 -0.01 13.18
CA GLN B 235 -25.06 0.55 12.49
C GLN B 235 -23.86 -0.38 12.46
N GLN B 236 -23.77 -1.32 13.39
CA GLN B 236 -22.59 -2.17 13.50
C GLN B 236 -22.84 -3.57 12.98
N ALA B 237 -23.89 -3.76 12.22
CA ALA B 237 -24.33 -5.08 11.79
C ALA B 237 -24.05 -5.26 10.32
N PHE B 238 -23.37 -6.34 9.97
CA PHE B 238 -23.04 -6.66 8.60
C PHE B 238 -23.63 -8.01 8.23
N ARG B 239 -24.15 -8.10 7.02
CA ARG B 239 -24.41 -9.39 6.40
C ARG B 239 -23.15 -9.77 5.66
N LYS B 240 -22.50 -10.85 6.08
CA LYS B 240 -21.22 -11.25 5.53
C LYS B 240 -21.46 -12.32 4.49
N ILE B 241 -21.29 -11.98 3.22
CA ILE B 241 -21.36 -12.96 2.15
C ILE B 241 -20.00 -13.65 2.02
N PRO B 242 -19.94 -14.97 2.05
CA PRO B 242 -18.64 -15.62 1.91
C PRO B 242 -18.12 -15.53 0.49
N ILE B 243 -16.84 -15.30 0.35
CA ILE B 243 -16.19 -15.16 -0.95
C ILE B 243 -15.09 -16.19 -1.03
N GLN B 244 -15.04 -16.93 -2.12
CA GLN B 244 -14.02 -17.93 -2.34
C GLN B 244 -13.12 -17.46 -3.46
N TYR B 245 -11.83 -17.45 -3.22
CA TYR B 245 -10.88 -17.14 -4.26
C TYR B 245 -10.22 -18.43 -4.73
N ALA B 246 -10.07 -18.55 -6.03
CA ALA B 246 -9.50 -19.76 -6.59
C ALA B 246 -8.22 -19.41 -7.31
N LYS B 247 -7.35 -18.67 -6.64
CA LYS B 247 -6.06 -18.35 -7.22
C LYS B 247 -4.93 -18.52 -6.21
N ARG B 248 -5.15 -19.26 -5.13
CA ARG B 248 -4.02 -19.77 -4.38
C ARG B 248 -4.39 -21.13 -3.82
N LEU B 249 -3.35 -21.94 -3.60
CA LEU B 249 -3.49 -23.37 -3.33
C LEU B 249 -4.22 -23.67 -2.04
N GLU B 250 -4.17 -22.75 -1.06
CA GLU B 250 -4.75 -22.80 0.30
C GLU B 250 -4.66 -24.20 0.94
N GLY B 251 -3.43 -24.67 1.07
CA GLY B 251 -3.15 -25.93 1.73
C GLY B 251 -2.86 -25.74 3.21
N ARG B 252 -2.51 -26.87 3.84
CA ARG B 252 -1.99 -26.95 5.21
C ARG B 252 -2.99 -26.42 6.25
N ASN B 253 -4.17 -27.06 6.27
CA ASN B 253 -5.27 -26.80 7.21
C ASN B 253 -5.69 -25.34 7.26
N PRO B 254 -6.42 -24.83 6.27
CA PRO B 254 -6.99 -23.49 6.40
C PRO B 254 -7.99 -23.45 7.55
N VAL B 255 -7.97 -22.34 8.30
CA VAL B 255 -8.68 -22.28 9.56
C VAL B 255 -10.19 -22.15 9.31
N GLY B 256 -10.60 -21.06 8.67
CA GLY B 256 -12.01 -20.74 8.54
C GLY B 256 -12.51 -19.67 9.47
N GLY B 257 -11.67 -19.21 10.41
CA GLY B 257 -12.08 -18.19 11.36
C GLY B 257 -11.99 -16.79 10.80
N HIS B 258 -10.81 -16.41 10.30
CA HIS B 258 -10.62 -15.16 9.58
C HIS B 258 -10.81 -15.36 8.08
N SER B 259 -11.94 -15.93 7.69
CA SER B 259 -12.18 -16.18 6.28
C SER B 259 -12.48 -14.89 5.55
N THR B 260 -12.30 -14.92 4.24
CA THR B 260 -12.62 -13.77 3.43
C THR B 260 -14.12 -13.72 3.22
N HIS B 261 -14.66 -12.53 3.30
CA HIS B 261 -16.07 -12.31 3.12
C HIS B 261 -16.26 -10.92 2.58
N LEU B 262 -17.49 -10.60 2.23
CA LEU B 262 -17.87 -9.32 1.67
C LEU B 262 -18.97 -8.81 2.57
N PRO B 263 -18.74 -7.82 3.37
CA PRO B 263 -19.77 -7.39 4.30
C PRO B 263 -20.64 -6.28 3.74
N LEU B 264 -21.94 -6.47 3.77
CA LEU B 264 -22.88 -5.43 3.42
C LEU B 264 -23.50 -4.91 4.70
N LYS B 265 -23.56 -3.60 4.85
CA LYS B 265 -24.20 -3.07 6.02
C LYS B 265 -25.71 -3.24 5.92
N VAL B 266 -26.38 -3.16 7.06
CA VAL B 266 -27.83 -3.18 7.00
C VAL B 266 -28.36 -1.84 6.54
N ASN B 267 -27.70 -0.76 6.90
CA ASN B 267 -28.00 0.55 6.35
C ASN B 267 -26.84 1.01 5.50
N PRO B 268 -26.76 0.60 4.23
CA PRO B 268 -25.59 0.96 3.42
C PRO B 268 -25.62 2.38 2.94
N ALA B 269 -26.79 3.01 2.93
CA ALA B 269 -26.91 4.37 2.42
C ALA B 269 -26.32 5.37 3.39
N GLY B 270 -26.69 5.28 4.65
CA GLY B 270 -26.17 6.18 5.64
C GLY B 270 -27.21 7.18 6.08
N VAL B 271 -26.96 8.45 5.80
CA VAL B 271 -27.87 9.53 6.13
C VAL B 271 -28.33 10.30 4.90
N ILE B 272 -27.62 10.19 3.79
CA ILE B 272 -27.90 10.77 2.47
C ILE B 272 -29.32 10.61 1.93
N PRO B 273 -30.06 9.51 2.21
CA PRO B 273 -31.49 9.53 1.88
C PRO B 273 -32.27 10.63 2.53
N VAL B 274 -31.85 11.11 3.69
CA VAL B 274 -32.56 12.22 4.31
C VAL B 274 -32.21 13.53 3.63
N ILE B 275 -31.01 13.65 3.02
CA ILE B 275 -30.68 14.81 2.20
C ILE B 275 -31.64 14.91 1.04
N PHE B 276 -31.84 13.80 0.34
CA PHE B 276 -32.71 13.83 -0.83
C PHE B 276 -34.17 14.02 -0.43
N ALA B 277 -34.57 13.44 0.69
CA ALA B 277 -35.95 13.59 1.12
C ALA B 277 -36.27 15.00 1.59
N VAL B 278 -35.35 15.66 2.29
CA VAL B 278 -35.65 17.02 2.68
C VAL B 278 -35.47 17.99 1.53
N SER B 279 -34.69 17.69 0.51
CA SER B 279 -34.71 18.57 -0.65
C SER B 279 -36.04 18.47 -1.38
N PHE B 280 -36.60 17.25 -1.47
CA PHE B 280 -37.93 17.09 -2.03
C PHE B 280 -39.00 17.72 -1.15
N LEU B 281 -38.76 17.86 0.14
CA LEU B 281 -39.76 18.48 0.98
C LEU B 281 -39.61 19.98 1.12
N ILE B 282 -38.46 20.55 0.81
CA ILE B 282 -38.35 22.00 0.87
C ILE B 282 -38.54 22.68 -0.48
N ALA B 283 -38.36 21.96 -1.60
CA ALA B 283 -38.50 22.62 -2.89
C ALA B 283 -39.91 23.14 -3.22
N PRO B 284 -41.02 22.45 -2.94
CA PRO B 284 -42.34 23.06 -3.20
C PRO B 284 -42.64 24.29 -2.35
N PRO B 285 -42.28 24.38 -1.05
CA PRO B 285 -42.51 25.66 -0.38
C PRO B 285 -41.65 26.81 -0.87
N THR B 286 -40.42 26.60 -1.34
CA THR B 286 -39.70 27.75 -1.88
C THR B 286 -40.25 28.19 -3.23
N ILE B 287 -40.59 27.23 -4.10
CA ILE B 287 -41.13 27.67 -5.39
C ILE B 287 -42.53 28.26 -5.22
N ALA B 288 -43.27 27.87 -4.17
CA ALA B 288 -44.52 28.55 -3.87
C ALA B 288 -44.30 29.87 -3.15
N SER B 289 -43.16 30.05 -2.49
CA SER B 289 -42.88 31.32 -1.84
C SER B 289 -42.47 32.39 -2.83
N PHE B 290 -41.94 31.99 -3.99
CA PHE B 290 -41.68 32.98 -5.02
C PHE B 290 -42.97 33.51 -5.66
N PHE B 291 -44.08 32.79 -5.57
CA PHE B 291 -45.31 33.19 -6.23
C PHE B 291 -46.23 34.04 -5.36
N GLY B 292 -45.86 34.32 -4.12
CA GLY B 292 -46.70 35.09 -3.24
C GLY B 292 -47.86 34.28 -2.67
N THR B 293 -48.50 34.86 -1.65
CA THR B 293 -49.53 34.14 -0.92
C THR B 293 -50.80 34.01 -1.75
N ASN B 294 -51.36 32.81 -1.77
CA ASN B 294 -52.57 32.47 -2.51
C ASN B 294 -53.31 31.42 -1.70
N ASP B 295 -54.22 30.71 -2.34
CA ASP B 295 -54.82 29.53 -1.72
C ASP B 295 -53.91 28.32 -1.93
N VAL B 296 -53.45 28.11 -3.16
CA VAL B 296 -52.62 26.94 -3.42
C VAL B 296 -51.20 27.12 -2.86
N THR B 297 -50.75 28.35 -2.66
CA THR B 297 -49.47 28.55 -1.99
C THR B 297 -49.56 28.16 -0.53
N LEU B 298 -50.67 28.53 0.13
CA LEU B 298 -50.86 28.12 1.51
C LEU B 298 -51.13 26.62 1.64
N TRP B 299 -51.76 26.01 0.63
CA TRP B 299 -51.96 24.57 0.69
C TRP B 299 -50.65 23.81 0.50
N ILE B 300 -49.80 24.28 -0.42
CA ILE B 300 -48.48 23.70 -0.61
C ILE B 300 -47.66 23.86 0.65
N ARG B 301 -47.77 25.01 1.31
CA ARG B 301 -47.05 25.22 2.56
C ARG B 301 -47.61 24.36 3.69
N ARG B 302 -48.90 24.03 3.64
CA ARG B 302 -49.51 23.27 4.72
C ARG B 302 -49.28 21.77 4.59
N THR B 303 -49.24 21.23 3.37
CA THR B 303 -49.09 19.79 3.24
C THR B 303 -47.65 19.33 3.15
N PHE B 304 -46.72 20.22 2.86
CA PHE B 304 -45.30 19.86 2.79
C PHE B 304 -44.56 20.24 4.06
N ASP B 305 -45.22 20.15 5.20
CA ASP B 305 -44.64 20.46 6.50
C ASP B 305 -44.70 19.20 7.32
N TYR B 306 -43.54 18.59 7.59
CA TYR B 306 -43.53 17.23 8.06
C TYR B 306 -43.81 17.09 9.55
N THR B 307 -44.22 18.14 10.23
CA THR B 307 -44.66 17.98 11.61
C THR B 307 -46.15 17.68 11.71
N HIS B 308 -46.82 17.53 10.57
CA HIS B 308 -48.23 17.21 10.46
C HIS B 308 -48.37 15.99 9.56
N PRO B 309 -49.35 15.10 9.83
CA PRO B 309 -49.25 13.71 9.34
C PRO B 309 -49.22 13.50 7.84
N VAL B 310 -49.79 14.40 7.04
CA VAL B 310 -49.67 14.23 5.60
C VAL B 310 -48.24 14.52 5.15
N GLY B 311 -47.63 15.56 5.69
CA GLY B 311 -46.24 15.84 5.39
C GLY B 311 -45.29 14.82 5.96
N MET B 312 -45.62 14.26 7.12
CA MET B 312 -44.79 13.21 7.68
C MET B 312 -44.90 11.93 6.89
N THR B 313 -46.06 11.65 6.30
CA THR B 313 -46.21 10.49 5.43
C THR B 313 -45.41 10.64 4.15
N ILE B 314 -45.46 11.83 3.54
CA ILE B 314 -44.64 12.11 2.35
C ILE B 314 -43.16 12.02 2.68
N TYR B 315 -42.78 12.47 3.87
CA TYR B 315 -41.38 12.41 4.30
C TYR B 315 -40.90 10.98 4.49
N VAL B 316 -41.72 10.14 5.12
CA VAL B 316 -41.33 8.75 5.34
C VAL B 316 -41.24 7.99 4.02
N VAL B 317 -42.19 8.23 3.12
CA VAL B 317 -42.19 7.56 1.82
C VAL B 317 -40.96 7.96 1.01
N LEU B 318 -40.58 9.24 1.07
CA LEU B 318 -39.41 9.64 0.31
C LEU B 318 -38.12 9.16 0.94
N ILE B 319 -38.07 9.01 2.27
CA ILE B 319 -36.86 8.46 2.89
C ILE B 319 -36.68 7.00 2.49
N ILE B 320 -37.76 6.23 2.46
CA ILE B 320 -37.66 4.83 2.06
C ILE B 320 -37.28 4.69 0.58
N ALA B 321 -37.89 5.50 -0.29
CA ALA B 321 -37.57 5.41 -1.70
C ALA B 321 -36.15 5.87 -2.00
N PHE B 322 -35.68 6.92 -1.34
CA PHE B 322 -34.33 7.35 -1.59
C PHE B 322 -33.30 6.49 -0.89
N THR B 323 -33.70 5.72 0.12
CA THR B 323 -32.78 4.74 0.68
C THR B 323 -32.58 3.59 -0.27
N TYR B 324 -33.63 3.17 -0.96
CA TYR B 324 -33.46 2.12 -1.96
C TYR B 324 -32.61 2.60 -3.11
N PHE B 325 -32.87 3.82 -3.59
CA PHE B 325 -32.06 4.38 -4.68
C PHE B 325 -30.59 4.52 -4.27
N TYR B 326 -30.33 5.09 -3.12
CA TYR B 326 -28.96 5.36 -2.76
C TYR B 326 -28.25 4.13 -2.21
N ALA B 327 -28.96 3.12 -1.77
CA ALA B 327 -28.30 1.86 -1.47
C ALA B 327 -27.82 1.20 -2.74
N PHE B 328 -28.63 1.23 -3.80
CA PHE B 328 -28.15 0.63 -5.03
C PHE B 328 -27.15 1.51 -5.76
N VAL B 329 -27.07 2.79 -5.41
CA VAL B 329 -26.01 3.63 -5.93
C VAL B 329 -24.71 3.39 -5.17
N GLN B 330 -24.80 3.25 -3.86
CA GLN B 330 -23.61 3.11 -3.05
C GLN B 330 -22.99 1.74 -3.17
N VAL B 331 -23.80 0.69 -3.15
CA VAL B 331 -23.28 -0.66 -3.22
C VAL B 331 -22.96 -1.05 -4.66
N ASN B 332 -23.93 -0.84 -5.55
CA ASN B 332 -23.85 -1.08 -6.98
C ASN B 332 -23.55 -2.53 -7.26
N PRO B 333 -24.54 -3.42 -7.16
CA PRO B 333 -24.27 -4.86 -7.34
C PRO B 333 -23.72 -5.26 -8.69
N GLU B 334 -23.91 -4.47 -9.74
CA GLU B 334 -23.34 -4.82 -11.04
C GLU B 334 -21.84 -4.55 -11.06
N GLN B 335 -21.41 -3.42 -10.51
CA GLN B 335 -19.98 -3.16 -10.39
C GLN B 335 -19.33 -4.12 -9.43
N MET B 336 -20.05 -4.55 -8.41
CA MET B 336 -19.52 -5.53 -7.48
C MET B 336 -19.33 -6.88 -8.15
N ALA B 337 -20.30 -7.30 -8.96
CA ALA B 337 -20.18 -8.57 -9.65
C ALA B 337 -19.08 -8.54 -10.69
N ASP B 338 -18.88 -7.41 -11.36
CA ASP B 338 -17.78 -7.31 -12.31
C ASP B 338 -16.42 -7.30 -11.62
N ASN B 339 -16.30 -6.62 -10.50
CA ASN B 339 -15.04 -6.63 -9.77
C ASN B 339 -14.73 -8.00 -9.21
N LEU B 340 -15.76 -8.74 -8.78
CA LEU B 340 -15.53 -10.08 -8.28
C LEU B 340 -15.15 -11.02 -9.42
N LYS B 341 -15.72 -10.83 -10.59
CA LYS B 341 -15.36 -11.67 -11.71
C LYS B 341 -13.94 -11.37 -12.16
N LYS B 342 -13.55 -10.11 -12.17
CA LYS B 342 -12.24 -9.73 -12.66
C LYS B 342 -11.14 -10.17 -11.70
N GLN B 343 -11.34 -9.98 -10.40
CA GLN B 343 -10.28 -10.39 -9.50
C GLN B 343 -10.30 -11.88 -9.19
N GLY B 344 -11.26 -12.63 -9.71
CA GLY B 344 -11.23 -14.06 -9.60
C GLY B 344 -11.93 -14.66 -8.42
N GLY B 345 -12.71 -13.89 -7.67
CA GLY B 345 -13.46 -14.43 -6.57
C GLY B 345 -14.85 -14.80 -6.96
N TYR B 346 -15.52 -15.52 -6.08
CA TYR B 346 -16.88 -15.93 -6.36
C TYR B 346 -17.57 -16.31 -5.06
N ILE B 347 -18.87 -16.07 -5.02
CA ILE B 347 -19.67 -16.61 -3.92
C ILE B 347 -19.81 -18.10 -4.11
N PRO B 348 -19.58 -18.92 -3.10
CA PRO B 348 -19.59 -20.36 -3.30
C PRO B 348 -20.94 -20.93 -3.68
N GLY B 349 -21.04 -21.37 -4.92
CA GLY B 349 -22.25 -21.90 -5.48
C GLY B 349 -22.76 -21.10 -6.65
N ILE B 350 -22.37 -19.84 -6.77
CA ILE B 350 -22.97 -18.90 -7.70
C ILE B 350 -21.97 -18.58 -8.79
N ARG B 351 -22.40 -18.62 -10.04
CA ARG B 351 -21.53 -18.31 -11.16
C ARG B 351 -21.16 -16.83 -11.15
N PRO B 352 -19.92 -16.47 -11.43
CA PRO B 352 -19.43 -15.13 -11.12
C PRO B 352 -19.88 -14.02 -12.06
N GLY B 353 -20.83 -14.24 -12.94
CA GLY B 353 -21.18 -13.16 -13.84
C GLY B 353 -22.41 -12.38 -13.46
N LYS B 354 -23.52 -12.76 -14.07
CA LYS B 354 -24.81 -12.17 -13.80
C LYS B 354 -25.47 -12.79 -12.58
N ASN B 355 -25.13 -14.04 -12.28
CA ASN B 355 -25.77 -14.72 -11.17
C ASN B 355 -25.32 -14.17 -9.83
N THR B 356 -24.08 -13.70 -9.70
CA THR B 356 -23.72 -13.06 -8.44
C THR B 356 -24.32 -11.68 -8.35
N GLN B 357 -24.53 -11.02 -9.49
CA GLN B 357 -25.18 -9.71 -9.45
C GLN B 357 -26.60 -9.82 -8.94
N GLU B 358 -27.34 -10.80 -9.43
CA GLU B 358 -28.70 -10.91 -8.92
C GLU B 358 -28.77 -11.56 -7.55
N TYR B 359 -27.76 -12.35 -7.15
CA TYR B 359 -27.69 -12.82 -5.77
C TYR B 359 -27.54 -11.68 -4.79
N VAL B 360 -26.56 -10.81 -5.02
CA VAL B 360 -26.35 -9.74 -4.08
C VAL B 360 -27.37 -8.63 -4.27
N THR B 361 -28.07 -8.59 -5.40
CA THR B 361 -29.24 -7.71 -5.52
C THR B 361 -30.37 -8.16 -4.62
N ARG B 362 -30.61 -9.46 -4.51
CA ARG B 362 -31.65 -9.91 -3.59
C ARG B 362 -31.29 -9.67 -2.13
N ILE B 363 -30.02 -9.91 -1.77
CA ILE B 363 -29.54 -9.57 -0.43
C ILE B 363 -29.76 -8.10 -0.12
N LEU B 364 -29.47 -7.25 -1.10
CA LEU B 364 -29.56 -5.81 -0.90
C LEU B 364 -30.98 -5.33 -0.80
N TYR B 365 -31.93 -5.97 -1.48
CA TYR B 365 -33.33 -5.61 -1.33
C TYR B 365 -33.82 -5.86 0.09
N ARG B 366 -33.47 -7.01 0.67
CA ARG B 366 -33.96 -7.30 2.01
C ARG B 366 -33.29 -6.42 3.08
N LEU B 367 -31.97 -6.30 3.01
CA LEU B 367 -31.26 -5.45 3.96
C LEU B 367 -31.65 -3.99 3.83
N THR B 368 -31.95 -3.53 2.62
CA THR B 368 -32.30 -2.13 2.44
C THR B 368 -33.70 -1.87 2.96
N LEU B 369 -34.59 -2.87 2.96
CA LEU B 369 -35.89 -2.68 3.62
C LEU B 369 -35.72 -2.41 5.09
N VAL B 370 -34.91 -3.21 5.78
CA VAL B 370 -34.72 -2.98 7.21
C VAL B 370 -34.00 -1.66 7.48
N GLY B 371 -32.97 -1.35 6.71
CA GLY B 371 -32.25 -0.11 6.91
C GLY B 371 -33.04 1.14 6.58
N SER B 372 -33.93 1.05 5.60
CA SER B 372 -34.77 2.19 5.23
C SER B 372 -35.83 2.45 6.28
N LEU B 373 -36.42 1.39 6.84
CA LEU B 373 -37.38 1.61 7.91
C LEU B 373 -36.72 2.19 9.15
N PHE B 374 -35.52 1.72 9.47
CA PHE B 374 -34.77 2.29 10.59
C PHE B 374 -34.45 3.74 10.36
N LEU B 375 -34.08 4.10 9.14
CA LEU B 375 -33.71 5.47 8.83
C LEU B 375 -34.91 6.39 8.87
N ALA B 376 -36.07 5.92 8.38
CA ALA B 376 -37.27 6.74 8.42
C ALA B 376 -37.77 6.93 9.84
N PHE B 377 -37.70 5.89 10.65
CA PHE B 377 -38.11 6.01 12.05
C PHE B 377 -37.20 6.95 12.82
N ILE B 378 -35.90 6.87 12.58
CA ILE B 378 -34.95 7.76 13.23
C ILE B 378 -35.17 9.20 12.79
N ALA B 379 -35.54 9.39 11.52
CA ALA B 379 -35.74 10.75 11.02
C ALA B 379 -37.05 11.37 11.51
N VAL B 380 -38.09 10.60 11.79
CA VAL B 380 -39.33 11.20 12.30
C VAL B 380 -39.49 11.00 13.80
N LEU B 381 -38.49 10.47 14.48
CA LEU B 381 -38.51 10.46 15.95
C LEU B 381 -38.57 11.82 16.67
N PRO B 382 -37.87 12.90 16.25
CA PRO B 382 -37.95 14.13 17.04
C PRO B 382 -39.30 14.79 17.06
N VAL B 383 -40.08 14.60 15.99
CA VAL B 383 -41.47 15.06 15.97
C VAL B 383 -42.27 14.40 17.09
N PHE B 384 -42.05 13.11 17.29
CA PHE B 384 -42.79 12.41 18.32
C PHE B 384 -42.30 12.77 19.71
N PHE B 385 -41.00 13.02 19.87
CA PHE B 385 -40.52 13.42 21.19
C PHE B 385 -41.03 14.79 21.59
N VAL B 386 -41.03 15.73 20.64
CA VAL B 386 -41.55 17.07 20.89
C VAL B 386 -43.04 17.03 21.16
N ASN B 387 -43.80 16.25 20.38
CA ASN B 387 -45.24 16.22 20.57
C ASN B 387 -45.66 15.51 21.84
N PHE B 388 -45.07 14.34 22.12
CA PHE B 388 -45.52 13.52 23.23
C PHE B 388 -44.54 13.52 24.40
N ALA B 389 -43.76 14.59 24.53
CA ALA B 389 -42.99 14.79 25.75
C ALA B 389 -43.01 16.21 26.22
N ASN B 390 -43.77 17.09 25.57
CA ASN B 390 -43.91 18.52 25.89
C ASN B 390 -42.58 19.24 25.92
N LEU B 391 -41.62 18.77 25.13
CA LEU B 391 -40.34 19.41 25.01
C LEU B 391 -40.50 20.68 24.20
N PRO B 392 -39.57 21.64 24.31
CA PRO B 392 -39.57 22.75 23.38
C PRO B 392 -39.22 22.27 21.98
N PRO B 393 -39.66 22.97 20.94
CA PRO B 393 -39.32 22.56 19.58
C PRO B 393 -37.88 22.82 19.19
N SER B 394 -37.06 23.36 20.10
CA SER B 394 -35.67 23.60 19.86
C SER B 394 -34.84 22.33 19.84
N ALA B 395 -35.37 21.24 20.38
CA ALA B 395 -34.54 20.09 20.76
C ALA B 395 -34.00 19.36 19.54
N GLN B 396 -34.89 18.88 18.66
CA GLN B 396 -34.56 17.96 17.56
C GLN B 396 -33.78 16.77 18.09
N ILE B 397 -34.43 16.05 19.01
CA ILE B 397 -33.76 15.11 19.91
C ILE B 397 -33.91 13.71 19.30
N GLY B 398 -32.85 13.25 18.64
CA GLY B 398 -32.88 11.92 18.06
C GLY B 398 -33.15 11.88 16.57
N GLY B 399 -32.66 12.86 15.83
CA GLY B 399 -32.84 12.88 14.39
C GLY B 399 -31.71 12.16 13.70
N THR B 400 -31.28 12.65 12.53
CA THR B 400 -30.13 12.05 11.89
C THR B 400 -28.82 12.57 12.46
N SER B 401 -28.86 13.63 13.25
CA SER B 401 -27.68 14.05 13.97
C SER B 401 -27.27 13.02 15.01
N LEU B 402 -28.24 12.26 15.52
CA LEU B 402 -27.92 11.14 16.39
C LEU B 402 -27.12 10.07 15.66
N LEU B 403 -27.50 9.76 14.42
CA LEU B 403 -26.74 8.80 13.62
C LEU B 403 -25.34 9.29 13.35
N ILE B 404 -25.20 10.57 13.06
CA ILE B 404 -23.88 11.13 12.78
C ILE B 404 -23.01 11.11 14.02
N VAL B 405 -23.58 11.42 15.18
CA VAL B 405 -22.83 11.45 16.42
C VAL B 405 -22.37 10.04 16.82
N VAL B 406 -23.26 9.06 16.71
CA VAL B 406 -22.91 7.68 17.04
C VAL B 406 -21.85 7.15 16.10
N GLY B 407 -21.99 7.43 14.81
CA GLY B 407 -21.02 6.93 13.85
C GLY B 407 -19.65 7.54 14.00
N VAL B 408 -19.57 8.83 14.27
CA VAL B 408 -18.25 9.46 14.41
C VAL B 408 -17.60 9.03 15.70
N ALA B 409 -18.37 8.88 16.78
CA ALA B 409 -17.81 8.41 18.04
C ALA B 409 -17.23 7.01 17.92
N LEU B 410 -17.99 6.09 17.32
CA LEU B 410 -17.51 4.72 17.19
C LEU B 410 -16.35 4.60 16.22
N GLU B 411 -16.35 5.37 15.13
CA GLU B 411 -15.26 5.26 14.18
C GLU B 411 -13.98 5.86 14.70
N THR B 412 -14.05 6.93 15.48
CA THR B 412 -12.85 7.47 16.10
C THR B 412 -12.32 6.55 17.18
N MET B 413 -13.21 5.87 17.90
CA MET B 413 -12.74 4.90 18.89
C MET B 413 -12.01 3.73 18.23
N LYS B 414 -12.54 3.24 17.12
CA LYS B 414 -11.87 2.15 16.42
C LYS B 414 -10.54 2.58 15.82
N GLN B 415 -10.46 3.81 15.34
CA GLN B 415 -9.18 4.31 14.84
C GLN B 415 -8.14 4.41 15.94
N LEU B 416 -8.56 4.81 17.14
CA LEU B 416 -7.62 4.92 18.25
C LEU B 416 -7.15 3.56 18.72
N GLU B 417 -8.04 2.58 18.79
CA GLU B 417 -7.61 1.25 19.21
C GLU B 417 -6.72 0.57 18.17
N SER B 418 -6.95 0.86 16.89
CA SER B 418 -6.03 0.38 15.86
C SER B 418 -4.67 1.02 15.97
N GLN B 419 -4.59 2.28 16.39
CA GLN B 419 -3.27 2.85 16.65
C GLN B 419 -2.66 2.25 17.91
N LEU B 420 -3.49 1.82 18.84
CA LEU B 420 -2.99 1.30 20.11
C LEU B 420 -2.32 -0.06 19.95
N VAL B 421 -2.89 -0.94 19.12
CA VAL B 421 -2.40 -2.33 19.08
C VAL B 421 -1.06 -2.51 18.39
N LYS B 422 -0.48 -1.48 17.78
CA LYS B 422 0.85 -1.67 17.21
C LYS B 422 1.94 -1.69 18.25
N ARG B 423 1.62 -1.42 19.51
CA ARG B 423 2.60 -1.43 20.58
C ARG B 423 2.65 -2.75 21.32
N HIS B 424 1.68 -3.62 21.12
CA HIS B 424 1.52 -4.80 21.96
C HIS B 424 1.97 -6.08 21.28
N TYR B 425 2.96 -6.01 20.40
CA TYR B 425 3.48 -7.21 19.75
C TYR B 425 4.37 -7.94 20.73
N ARG B 426 3.89 -9.09 21.21
CA ARG B 426 4.48 -9.72 22.39
C ARG B 426 5.74 -10.50 22.07
N GLY B 427 5.61 -11.56 21.31
CA GLY B 427 6.72 -12.48 21.28
C GLY B 427 6.54 -13.60 22.27
N PHE B 428 7.16 -14.74 21.98
CA PHE B 428 7.07 -15.89 22.85
C PHE B 428 8.08 -15.86 23.98
N ILE B 429 8.99 -14.89 23.99
CA ILE B 429 10.03 -14.85 24.99
C ILE B 429 9.66 -13.89 26.12
N LYS B 430 9.31 -12.65 25.79
CA LYS B 430 8.75 -11.66 26.72
C LYS B 430 9.56 -11.41 27.98
N GLN C 2 -50.37 -14.08 -3.24
CA GLN C 2 -49.82 -13.58 -1.99
C GLN C 2 -48.30 -13.60 -2.01
N ARG C 3 -47.73 -12.66 -2.75
CA ARG C 3 -46.28 -12.58 -2.87
C ARG C 3 -45.65 -11.80 -1.72
N VAL C 4 -46.39 -10.83 -1.16
CA VAL C 4 -45.80 -9.95 -0.17
C VAL C 4 -45.55 -10.65 1.17
N THR C 5 -46.34 -11.67 1.49
CA THR C 5 -46.09 -12.38 2.74
C THR C 5 -44.92 -13.33 2.58
N ASN C 6 -44.72 -13.84 1.37
CA ASN C 6 -43.50 -14.60 1.07
C ASN C 6 -42.27 -13.70 1.14
N PHE C 7 -42.39 -12.46 0.65
CA PHE C 7 -41.26 -11.53 0.73
C PHE C 7 -40.94 -11.17 2.17
N PHE C 8 -41.97 -11.00 3.00
CA PHE C 8 -41.67 -10.66 4.40
C PHE C 8 -41.13 -11.85 5.16
N LYS C 9 -41.51 -13.06 4.78
CA LYS C 9 -40.85 -14.24 5.34
C LYS C 9 -39.39 -14.29 4.92
N GLU C 10 -39.09 -13.85 3.70
CA GLU C 10 -37.70 -13.78 3.26
C GLU C 10 -36.92 -12.70 3.99
N VAL C 11 -37.55 -11.58 4.33
CA VAL C 11 -36.88 -10.54 5.08
C VAL C 11 -36.54 -11.01 6.48
N VAL C 12 -37.49 -11.72 7.13
CA VAL C 12 -37.23 -12.25 8.46
C VAL C 12 -36.19 -13.35 8.40
N ARG C 13 -36.18 -14.14 7.33
CA ARG C 13 -35.14 -15.15 7.16
C ARG C 13 -33.78 -14.52 6.91
N GLU C 14 -33.76 -13.37 6.24
CA GLU C 14 -32.51 -12.67 5.97
C GLU C 14 -31.95 -12.04 7.21
N LEU C 15 -32.80 -11.56 8.11
CA LEU C 15 -32.31 -10.90 9.32
C LEU C 15 -31.65 -11.85 10.31
N LYS C 16 -31.81 -13.16 10.14
CA LYS C 16 -31.14 -14.10 11.01
C LYS C 16 -29.74 -14.47 10.52
N LYS C 17 -29.37 -14.05 9.32
CA LYS C 17 -28.01 -14.21 8.84
C LYS C 17 -27.16 -12.98 9.07
N VAL C 18 -27.76 -11.87 9.48
CA VAL C 18 -27.01 -10.67 9.78
C VAL C 18 -26.22 -10.90 11.06
N SER C 19 -24.98 -10.41 11.10
CA SER C 19 -24.17 -10.61 12.28
C SER C 19 -24.35 -9.41 13.19
N TRP C 20 -25.40 -9.46 14.00
CA TRP C 20 -25.71 -8.41 14.96
C TRP C 20 -24.67 -8.39 16.07
N PRO C 21 -24.46 -7.25 16.72
CA PRO C 21 -23.51 -7.21 17.83
C PRO C 21 -24.07 -7.89 19.07
N ASN C 22 -23.22 -8.63 19.77
CA ASN C 22 -23.60 -9.33 20.98
C ASN C 22 -23.68 -8.34 22.14
N ARG C 23 -24.12 -8.84 23.30
CA ARG C 23 -24.50 -7.96 24.40
C ARG C 23 -23.29 -7.29 25.04
N LYS C 24 -22.14 -7.96 25.02
CA LYS C 24 -20.95 -7.39 25.64
C LYS C 24 -20.44 -6.19 24.85
N GLU C 25 -20.31 -6.35 23.53
CA GLU C 25 -19.87 -5.22 22.73
C GLU C 25 -20.97 -4.19 22.55
N LEU C 26 -22.24 -4.57 22.68
CA LEU C 26 -23.30 -3.58 22.70
C LEU C 26 -23.18 -2.67 23.92
N VAL C 27 -22.90 -3.24 25.08
CA VAL C 27 -22.77 -2.44 26.29
C VAL C 27 -21.49 -1.60 26.25
N ASN C 28 -20.39 -2.16 25.72
CA ASN C 28 -19.16 -1.40 25.57
C ASN C 28 -19.33 -0.24 24.60
N TYR C 29 -20.05 -0.46 23.50
CA TYR C 29 -20.28 0.59 22.52
C TYR C 29 -21.16 1.69 23.08
N THR C 30 -22.23 1.33 23.80
CA THR C 30 -23.07 2.37 24.40
C THR C 30 -22.33 3.16 25.47
N ALA C 31 -21.41 2.50 26.18
CA ALA C 31 -20.58 3.20 27.14
C ALA C 31 -19.67 4.20 26.44
N VAL C 32 -19.07 3.82 25.32
CA VAL C 32 -18.20 4.73 24.59
C VAL C 32 -19.00 5.90 24.02
N VAL C 33 -20.20 5.63 23.52
CA VAL C 33 -21.01 6.69 22.91
C VAL C 33 -21.49 7.68 23.96
N LEU C 34 -22.01 7.18 25.09
CA LEU C 34 -22.47 8.08 26.14
C LEU C 34 -21.31 8.81 26.80
N ALA C 35 -20.15 8.18 26.93
CA ALA C 35 -18.99 8.88 27.46
C ALA C 35 -18.51 9.97 26.53
N THR C 36 -18.52 9.72 25.22
CA THR C 36 -18.09 10.73 24.27
C THR C 36 -19.06 11.91 24.23
N VAL C 37 -20.36 11.63 24.26
CA VAL C 37 -21.35 12.69 24.21
C VAL C 37 -21.33 13.51 25.50
N ALA C 38 -21.18 12.85 26.65
CA ALA C 38 -21.15 13.57 27.92
C ALA C 38 -19.87 14.38 28.07
N PHE C 39 -18.72 13.82 27.67
CA PHE C 39 -17.48 14.56 27.73
C PHE C 39 -17.51 15.76 26.81
N PHE C 40 -18.03 15.61 25.60
CA PHE C 40 -18.00 16.74 24.69
C PHE C 40 -19.09 17.75 25.00
N THR C 41 -20.18 17.35 25.63
CA THR C 41 -21.14 18.30 26.16
C THR C 41 -20.50 19.18 27.22
N VAL C 42 -19.79 18.56 28.17
CA VAL C 42 -19.16 19.34 29.23
C VAL C 42 -18.00 20.16 28.70
N PHE C 43 -17.23 19.60 27.76
CA PHE C 43 -16.10 20.30 27.15
C PHE C 43 -16.55 21.53 26.39
N PHE C 44 -17.62 21.41 25.61
CA PHE C 44 -18.09 22.55 24.85
C PHE C 44 -18.81 23.55 25.71
N ALA C 45 -19.48 23.12 26.78
CA ALA C 45 -20.05 24.10 27.70
C ALA C 45 -18.98 24.90 28.40
N VAL C 46 -17.89 24.25 28.80
CA VAL C 46 -16.83 24.93 29.51
C VAL C 46 -16.08 25.88 28.59
N ILE C 47 -15.78 25.46 27.36
CA ILE C 47 -15.11 26.42 26.50
C ILE C 47 -16.04 27.50 25.96
N ASP C 48 -17.36 27.28 25.89
CA ASP C 48 -18.26 28.40 25.61
C ASP C 48 -18.26 29.41 26.75
N LEU C 49 -18.23 28.94 28.00
CA LEU C 49 -18.12 29.85 29.14
C LEU C 49 -16.79 30.59 29.14
N GLY C 50 -15.72 29.90 28.77
CA GLY C 50 -14.41 30.54 28.75
C GLY C 50 -14.27 31.58 27.66
N ILE C 51 -14.70 31.26 26.44
CA ILE C 51 -14.67 32.21 25.35
C ILE C 51 -15.61 33.36 25.64
N SER C 52 -16.72 33.12 26.32
CA SER C 52 -17.63 34.21 26.66
C SER C 52 -17.03 35.15 27.68
N GLN C 53 -16.28 34.64 28.66
CA GLN C 53 -15.64 35.54 29.62
C GLN C 53 -14.49 36.31 28.98
N LEU C 54 -13.71 35.66 28.13
CA LEU C 54 -12.63 36.36 27.43
C LEU C 54 -13.17 37.40 26.46
N ILE C 55 -14.33 37.14 25.86
CA ILE C 55 -14.98 38.09 24.97
C ILE C 55 -15.53 39.27 25.77
N ARG C 56 -16.04 39.00 26.97
CA ARG C 56 -16.47 40.07 27.85
C ARG C 56 -15.28 40.91 28.33
N LEU C 57 -14.10 40.31 28.44
CA LEU C 57 -12.93 41.10 28.84
C LEU C 57 -12.46 41.97 27.69
N VAL C 58 -12.18 41.37 26.53
CA VAL C 58 -11.53 42.10 25.45
C VAL C 58 -12.49 43.06 24.76
N PHE C 59 -13.76 42.65 24.61
CA PHE C 59 -14.79 43.25 23.73
C PHE C 59 -14.32 43.32 22.29
#